data_4CW1
#
_entry.id   4CW1
#
_cell.length_a   62.200
_cell.length_b   90.580
_cell.length_c   144.750
_cell.angle_alpha   90.00
_cell.angle_beta   90.00
_cell.angle_gamma   90.00
#
_symmetry.space_group_name_H-M   'P 21 21 21'
#
loop_
_entity.id
_entity.type
_entity.pdbx_description
1 polymer 'MAJOR HISTOCOMPATIBILITY COMPLEX CLASS I GLYCOPROTEIN HAPLOTYPE B14'
2 polymer BETA-2-MICROGLOBULIN
3 polymer PEPTIDE
4 water water
#
loop_
_entity_poly.entity_id
_entity_poly.type
_entity_poly.pdbx_seq_one_letter_code
_entity_poly.pdbx_strand_id
1 'polypeptide(L)'
;ELHTLRYIQTAMTDPGPGQPWFVTVGYVDGELFVHYNSTARRVVPRTEWMAANTDQQYWNGQTQIVQGNEQIDRDDLGTL
QRRYNQTGGSHTVQLMYGCDILEDGTIRGYSQDAYDGRDFIAFDKGTMTFTAAVPEAVPTKRKWEEGDYAEGLKQYLEET
CVEWLRRYVEYGKAELGRRERPEVRVWGKEADGILTLSCRAHGFYPRPIVVSWLKDGAVRGQDAQSGGIVPNGDGTYHTW
VTIDAQPGDGDKYQCRVEHASLPQPGLYSWEPRSGGGLNDIFEAQKIEWHENSSSVDKLAAALEHHHHHH
;
A,D
2 'polypeptide(L)'
;DLTPKVQVYSRFPASAGTKNVLNCFAAGFHPPKISITLMKDGVPMEGAQYSDMSFNDDWTFQRLVHADFTPSSGSTYACK
VEHETLKEPQVYKWDPEF
;
B,E
3 'polypeptide(L)' SWFRKPMTR C,F
#
# COMPACT_ATOMS: atom_id res chain seq x y z
N GLU A 1 27.23 10.37 8.03
CA GLU A 1 26.74 10.58 6.66
C GLU A 1 25.78 9.46 6.25
N LEU A 2 24.61 9.83 5.70
CA LEU A 2 23.58 8.88 5.25
C LEU A 2 23.92 8.31 3.88
N HIS A 3 24.01 6.97 3.78
CA HIS A 3 24.30 6.24 2.55
C HIS A 3 23.36 5.05 2.42
N THR A 4 22.64 4.96 1.28
CA THR A 4 21.65 3.91 1.02
C THR A 4 21.92 3.11 -0.26
N LEU A 5 21.66 1.80 -0.21
CA LEU A 5 21.76 0.87 -1.34
C LEU A 5 20.42 0.16 -1.49
N ARG A 6 19.78 0.29 -2.66
CA ARG A 6 18.49 -0.32 -2.95
C ARG A 6 18.50 -1.05 -4.29
N TYR A 7 18.00 -2.29 -4.30
CA TYR A 7 17.88 -3.11 -5.50
C TYR A 7 16.41 -3.47 -5.71
N ILE A 8 15.84 -3.06 -6.85
CA ILE A 8 14.44 -3.33 -7.18
C ILE A 8 14.33 -4.26 -8.39
N GLN A 9 13.41 -5.23 -8.31
CA GLN A 9 13.18 -6.24 -9.35
C GLN A 9 11.73 -6.23 -9.82
N THR A 10 11.50 -6.34 -11.15
CA THR A 10 10.17 -6.34 -11.75
C THR A 10 10.02 -7.46 -12.80
N ALA A 11 9.05 -8.35 -12.60
CA ALA A 11 8.72 -9.46 -13.51
C ALA A 11 7.29 -9.24 -14.02
N MET A 12 7.12 -9.10 -15.35
CA MET A 12 5.83 -8.82 -15.97
C MET A 12 5.40 -9.85 -17.00
N THR A 13 4.07 -10.02 -17.15
CA THR A 13 3.45 -10.91 -18.16
C THR A 13 3.01 -10.04 -19.34
N ASP A 14 2.68 -8.76 -19.05
CA ASP A 14 2.25 -7.76 -20.03
C ASP A 14 3.16 -6.51 -19.94
N PRO A 15 4.36 -6.55 -20.58
CA PRO A 15 5.29 -5.40 -20.48
C PRO A 15 4.82 -4.03 -21.05
N GLY A 16 4.18 -3.92 -22.23
CA GLY A 16 3.78 -4.95 -23.17
C GLY A 16 4.46 -4.89 -24.53
N PRO A 17 4.06 -3.96 -25.43
CA PRO A 17 4.69 -3.92 -26.77
C PRO A 17 6.05 -3.24 -26.82
N GLY A 18 7.05 -3.98 -27.32
CA GLY A 18 8.43 -3.54 -27.47
C GLY A 18 9.11 -3.16 -26.17
N GLN A 19 8.79 -3.89 -25.08
CA GLN A 19 9.35 -3.66 -23.75
C GLN A 19 9.82 -4.97 -23.09
N PRO A 20 10.92 -4.97 -22.29
CA PRO A 20 11.36 -6.21 -21.65
C PRO A 20 10.47 -6.65 -20.49
N TRP A 21 10.24 -7.97 -20.36
CA TRP A 21 9.40 -8.54 -19.29
C TRP A 21 10.06 -8.51 -17.91
N PHE A 22 11.39 -8.60 -17.88
CA PHE A 22 12.18 -8.58 -16.64
C PHE A 22 13.10 -7.36 -16.61
N VAL A 23 12.84 -6.43 -15.68
CA VAL A 23 13.62 -5.19 -15.49
C VAL A 23 14.06 -5.10 -14.03
N THR A 24 15.36 -4.84 -13.81
CA THR A 24 15.95 -4.70 -12.47
C THR A 24 17.06 -3.64 -12.46
N VAL A 25 17.03 -2.75 -11.46
CA VAL A 25 17.99 -1.65 -11.29
C VAL A 25 18.48 -1.50 -9.85
N GLY A 26 19.63 -0.84 -9.69
CA GLY A 26 20.26 -0.56 -8.40
C GLY A 26 20.38 0.93 -8.14
N TYR A 27 20.42 1.31 -6.84
CA TYR A 27 20.53 2.71 -6.44
C TYR A 27 21.53 2.95 -5.31
N VAL A 28 22.42 3.94 -5.48
CA VAL A 28 23.39 4.38 -4.47
C VAL A 28 23.05 5.85 -4.16
N ASP A 29 22.52 6.09 -2.94
CA ASP A 29 22.07 7.40 -2.42
C ASP A 29 20.96 8.03 -3.29
N GLY A 30 20.10 7.16 -3.85
CA GLY A 30 19.00 7.55 -4.72
C GLY A 30 19.36 7.72 -6.18
N GLU A 31 20.65 7.49 -6.54
CA GLU A 31 21.16 7.62 -7.91
C GLU A 31 21.28 6.26 -8.61
N LEU A 32 20.76 6.18 -9.85
CA LEU A 32 20.78 5.00 -10.71
C LEU A 32 22.22 4.72 -11.16
N PHE A 33 22.76 3.52 -10.88
CA PHE A 33 24.14 3.16 -11.21
C PHE A 33 24.27 1.85 -12.02
N VAL A 34 23.34 0.89 -11.84
CA VAL A 34 23.33 -0.39 -12.56
C VAL A 34 21.96 -0.73 -13.14
N HIS A 35 21.93 -1.37 -14.33
CA HIS A 35 20.71 -1.76 -15.04
C HIS A 35 20.81 -3.10 -15.76
N TYR A 36 19.69 -3.86 -15.80
CA TYR A 36 19.56 -5.15 -16.49
C TYR A 36 18.13 -5.29 -17.03
N ASN A 37 18.02 -5.79 -18.27
CA ASN A 37 16.75 -6.07 -18.94
C ASN A 37 16.81 -7.43 -19.67
N SER A 38 15.66 -8.12 -19.76
CA SER A 38 15.53 -9.44 -20.40
C SER A 38 15.84 -9.47 -21.90
N THR A 39 15.80 -8.31 -22.58
CA THR A 39 16.09 -8.19 -24.01
C THR A 39 17.61 -8.17 -24.26
N ALA A 40 18.34 -7.26 -23.60
CA ALA A 40 19.80 -7.11 -23.74
C ALA A 40 20.59 -8.25 -23.09
N ARG A 41 20.09 -8.78 -21.94
CA ARG A 41 20.67 -9.87 -21.14
C ARG A 41 22.12 -9.60 -20.69
N ARG A 42 22.41 -8.34 -20.30
CA ARG A 42 23.73 -7.91 -19.83
C ARG A 42 23.62 -6.72 -18.88
N VAL A 43 24.38 -6.75 -17.76
CA VAL A 43 24.41 -5.66 -16.78
C VAL A 43 25.27 -4.52 -17.35
N VAL A 44 24.64 -3.34 -17.53
CA VAL A 44 25.26 -2.15 -18.11
C VAL A 44 25.34 -1.01 -17.06
N PRO A 45 26.52 -0.35 -16.88
CA PRO A 45 26.58 0.77 -15.91
C PRO A 45 25.78 1.99 -16.37
N ARG A 46 25.30 2.79 -15.41
CA ARG A 46 24.52 4.00 -15.70
C ARG A 46 25.24 5.29 -15.27
N THR A 47 26.40 5.15 -14.61
CA THR A 47 27.23 6.27 -14.15
C THR A 47 28.69 6.07 -14.58
N GLU A 48 29.40 7.19 -14.84
CA GLU A 48 30.80 7.18 -15.28
C GLU A 48 31.76 6.65 -14.19
N TRP A 49 31.47 6.96 -12.90
CA TRP A 49 32.28 6.49 -11.77
C TRP A 49 32.20 4.98 -11.56
N MET A 50 31.10 4.36 -12.01
CA MET A 50 30.87 2.92 -11.90
C MET A 50 31.69 2.13 -12.93
N ALA A 51 31.70 2.57 -14.20
CA ALA A 51 32.42 1.93 -15.30
C ALA A 51 33.95 2.08 -15.20
N ALA A 52 34.43 3.26 -14.75
CA ALA A 52 35.85 3.57 -14.62
C ALA A 52 36.55 2.85 -13.45
N ASN A 53 35.80 2.47 -12.41
CA ASN A 53 36.34 1.81 -11.22
C ASN A 53 36.26 0.28 -11.22
N THR A 54 35.28 -0.30 -11.95
CA THR A 54 35.10 -1.76 -12.01
C THR A 54 35.68 -2.39 -13.29
N ASP A 55 36.15 -3.65 -13.17
CA ASP A 55 36.74 -4.43 -14.27
C ASP A 55 35.70 -5.34 -14.95
N GLN A 56 36.12 -6.03 -16.04
CA GLN A 56 35.28 -6.94 -16.83
C GLN A 56 34.82 -8.17 -16.02
N GLN A 57 35.65 -8.59 -15.03
CA GLN A 57 35.39 -9.73 -14.14
C GLN A 57 34.14 -9.51 -13.29
N TYR A 58 33.93 -8.27 -12.82
CA TYR A 58 32.79 -7.85 -12.02
C TYR A 58 31.50 -7.84 -12.84
N TRP A 59 31.53 -7.21 -14.04
CA TRP A 59 30.39 -7.08 -14.95
C TRP A 59 29.87 -8.42 -15.47
N ASN A 60 30.78 -9.37 -15.71
CA ASN A 60 30.44 -10.71 -16.18
C ASN A 60 29.83 -11.55 -15.05
N GLY A 61 30.34 -11.35 -13.83
CA GLY A 61 29.90 -12.03 -12.62
C GLY A 61 28.52 -11.62 -12.14
N GLN A 62 28.23 -10.29 -12.21
CA GLN A 62 26.95 -9.70 -11.81
C GLN A 62 25.79 -10.15 -12.71
N THR A 63 26.05 -10.30 -14.02
CA THR A 63 25.09 -10.72 -15.04
C THR A 63 24.46 -12.08 -14.72
N GLN A 64 25.28 -13.04 -14.27
CA GLN A 64 24.85 -14.40 -13.93
C GLN A 64 24.04 -14.49 -12.63
N ILE A 65 24.28 -13.54 -11.68
CA ILE A 65 23.54 -13.46 -10.42
C ILE A 65 22.09 -13.06 -10.76
N VAL A 66 21.95 -12.12 -11.72
CA VAL A 66 20.67 -11.62 -12.22
C VAL A 66 19.99 -12.64 -13.17
N GLN A 67 20.80 -13.31 -14.03
CA GLN A 67 20.31 -14.32 -14.97
C GLN A 67 19.58 -15.46 -14.26
N GLY A 68 20.08 -15.84 -13.08
CA GLY A 68 19.48 -16.85 -12.21
C GLY A 68 18.18 -16.35 -11.61
N ASN A 69 18.15 -15.06 -11.21
CA ASN A 69 16.97 -14.39 -10.64
C ASN A 69 15.88 -14.22 -11.69
N GLU A 70 16.26 -14.07 -12.98
CA GLU A 70 15.36 -13.94 -14.13
C GLU A 70 14.62 -15.27 -14.33
N GLN A 71 15.34 -16.40 -14.16
CA GLN A 71 14.80 -17.77 -14.26
C GLN A 71 13.81 -18.05 -13.13
N ILE A 72 14.18 -17.65 -11.90
CA ILE A 72 13.37 -17.81 -10.68
C ILE A 72 12.04 -17.06 -10.82
N ASP A 73 12.09 -15.80 -11.27
CA ASP A 73 10.90 -14.97 -11.50
C ASP A 73 10.02 -15.46 -12.65
N ARG A 74 10.64 -16.13 -13.66
CA ARG A 74 9.93 -16.72 -14.81
C ARG A 74 9.06 -17.89 -14.34
N ASP A 75 9.59 -18.74 -13.44
CA ASP A 75 8.88 -19.88 -12.87
C ASP A 75 7.84 -19.42 -11.84
N ASP A 76 8.17 -18.38 -11.05
CA ASP A 76 7.30 -17.80 -10.03
C ASP A 76 6.03 -17.16 -10.60
N LEU A 77 6.10 -16.59 -11.82
CA LEU A 77 4.94 -15.98 -12.50
C LEU A 77 3.87 -17.04 -12.82
N GLY A 78 4.33 -18.24 -13.16
CA GLY A 78 3.47 -19.40 -13.46
C GLY A 78 2.98 -20.09 -12.21
N THR A 79 3.86 -20.22 -11.18
CA THR A 79 3.58 -20.86 -9.89
C THR A 79 2.52 -20.08 -9.10
N LEU A 80 2.63 -18.74 -9.06
CA LEU A 80 1.69 -17.87 -8.35
C LEU A 80 0.32 -17.78 -9.03
N GLN A 81 0.27 -17.94 -10.37
CA GLN A 81 -0.98 -17.91 -11.14
C GLN A 81 -1.85 -19.13 -10.81
N ARG A 82 -1.20 -20.29 -10.51
CA ARG A 82 -1.86 -21.54 -10.14
C ARG A 82 -2.44 -21.46 -8.73
N ARG A 83 -1.74 -20.76 -7.81
CA ARG A 83 -2.15 -20.58 -6.40
C ARG A 83 -3.37 -19.68 -6.28
N TYR A 84 -3.42 -18.60 -7.08
CA TYR A 84 -4.51 -17.63 -7.11
C TYR A 84 -5.66 -18.08 -8.04
N ASN A 85 -5.45 -19.21 -8.77
CA ASN A 85 -6.38 -19.82 -9.74
C ASN A 85 -6.72 -18.84 -10.88
N GLN A 86 -5.67 -18.39 -11.61
CA GLN A 86 -5.76 -17.45 -12.71
C GLN A 86 -5.23 -18.08 -14.00
N THR A 87 -6.02 -18.00 -15.09
CA THR A 87 -5.67 -18.54 -16.40
C THR A 87 -4.60 -17.71 -17.11
N GLY A 88 -4.79 -16.39 -17.14
CA GLY A 88 -3.87 -15.45 -17.76
C GLY A 88 -4.11 -14.01 -17.33
N GLY A 89 -3.79 -13.08 -18.23
CA GLY A 89 -3.94 -11.65 -18.01
C GLY A 89 -2.67 -10.95 -17.56
N SER A 90 -2.81 -9.66 -17.17
CA SER A 90 -1.70 -8.82 -16.71
C SER A 90 -1.39 -9.08 -15.23
N HIS A 91 -0.18 -9.60 -14.96
CA HIS A 91 0.31 -9.91 -13.61
C HIS A 91 1.75 -9.44 -13.44
N THR A 92 2.04 -8.81 -12.27
CA THR A 92 3.36 -8.27 -11.97
C THR A 92 3.88 -8.75 -10.61
N VAL A 93 5.16 -9.17 -10.58
CA VAL A 93 5.87 -9.61 -9.37
C VAL A 93 6.97 -8.56 -9.09
N GLN A 94 6.88 -7.90 -7.93
CA GLN A 94 7.82 -6.84 -7.53
C GLN A 94 8.62 -7.25 -6.29
N LEU A 95 9.92 -6.93 -6.28
CA LEU A 95 10.84 -7.22 -5.18
C LEU A 95 11.67 -5.98 -4.85
N MET A 96 11.73 -5.61 -3.56
CA MET A 96 12.49 -4.47 -3.06
C MET A 96 13.32 -4.90 -1.86
N TYR A 97 14.65 -4.76 -1.96
CA TYR A 97 15.59 -5.11 -0.90
C TYR A 97 16.82 -4.20 -0.88
N GLY A 98 17.43 -4.06 0.30
CA GLY A 98 18.62 -3.24 0.48
C GLY A 98 18.98 -2.93 1.91
N CYS A 99 20.03 -2.11 2.08
CA CYS A 99 20.55 -1.68 3.38
C CYS A 99 20.74 -0.17 3.45
N ASP A 100 20.52 0.41 4.64
CA ASP A 100 20.64 1.85 4.88
C ASP A 100 21.60 2.12 6.04
N ILE A 101 22.60 2.98 5.80
CA ILE A 101 23.57 3.39 6.82
C ILE A 101 23.10 4.75 7.36
N LEU A 102 22.42 4.73 8.52
CA LEU A 102 21.86 5.92 9.18
C LEU A 102 22.94 6.84 9.76
N GLU A 103 22.55 8.09 10.07
CA GLU A 103 23.41 9.14 10.63
C GLU A 103 23.95 8.77 12.03
N ASP A 104 23.17 7.99 12.80
CA ASP A 104 23.53 7.53 14.15
C ASP A 104 24.38 6.23 14.16
N GLY A 105 24.76 5.76 12.97
CA GLY A 105 25.59 4.57 12.80
C GLY A 105 24.84 3.25 12.70
N THR A 106 23.51 3.27 12.91
CA THR A 106 22.64 2.09 12.86
C THR A 106 22.46 1.60 11.41
N ILE A 107 22.62 0.29 11.20
CA ILE A 107 22.46 -0.36 9.89
C ILE A 107 21.09 -1.04 9.82
N ARG A 108 20.25 -0.61 8.88
CA ARG A 108 18.89 -1.13 8.69
C ARG A 108 18.80 -1.99 7.42
N GLY A 109 18.41 -3.24 7.58
CA GLY A 109 18.25 -4.19 6.49
C GLY A 109 16.80 -4.53 6.23
N TYR A 110 16.38 -4.51 4.95
CA TYR A 110 15.00 -4.81 4.55
C TYR A 110 14.91 -5.66 3.27
N SER A 111 13.84 -6.47 3.16
CA SER A 111 13.55 -7.33 2.02
C SER A 111 12.04 -7.58 1.96
N GLN A 112 11.36 -6.93 0.99
CA GLN A 112 9.92 -7.01 0.76
C GLN A 112 9.56 -7.49 -0.64
N ASP A 113 8.45 -8.22 -0.76
CA ASP A 113 7.95 -8.79 -2.01
C ASP A 113 6.44 -8.50 -2.20
N ALA A 114 6.00 -8.41 -3.47
CA ALA A 114 4.60 -8.14 -3.81
C ALA A 114 4.13 -8.83 -5.09
N TYR A 115 2.80 -9.08 -5.18
CA TYR A 115 2.15 -9.69 -6.33
C TYR A 115 0.93 -8.83 -6.70
N ASP A 116 0.96 -8.26 -7.93
CA ASP A 116 -0.07 -7.37 -8.50
C ASP A 116 -0.30 -6.10 -7.65
N GLY A 117 0.80 -5.54 -7.14
CA GLY A 117 0.80 -4.32 -6.34
C GLY A 117 0.38 -4.48 -4.89
N ARG A 118 0.19 -5.72 -4.43
CA ARG A 118 -0.20 -6.03 -3.05
C ARG A 118 0.83 -6.92 -2.37
N ASP A 119 1.19 -6.59 -1.11
CA ASP A 119 2.18 -7.28 -0.27
C ASP A 119 2.04 -8.80 -0.25
N PHE A 120 3.18 -9.50 -0.35
CA PHE A 120 3.24 -10.96 -0.37
C PHE A 120 4.10 -11.50 0.79
N ILE A 121 5.45 -11.39 0.69
CA ILE A 121 6.39 -11.84 1.72
C ILE A 121 7.32 -10.71 2.15
N ALA A 122 7.37 -10.44 3.46
CA ALA A 122 8.23 -9.41 4.06
C ALA A 122 9.16 -10.07 5.06
N PHE A 123 10.48 -9.90 4.87
CA PHE A 123 11.48 -10.50 5.74
C PHE A 123 11.67 -9.72 7.04
N ASP A 124 11.69 -10.45 8.17
CA ASP A 124 11.91 -9.87 9.51
C ASP A 124 13.29 -10.31 9.97
N LYS A 125 14.23 -9.34 10.02
CA LYS A 125 15.63 -9.57 10.41
C LYS A 125 15.82 -9.97 11.88
N GLY A 126 14.92 -9.50 12.74
CA GLY A 126 14.95 -9.76 14.17
C GLY A 126 14.54 -11.18 14.54
N THR A 127 13.31 -11.57 14.13
CA THR A 127 12.74 -12.91 14.42
C THR A 127 13.26 -14.01 13.48
N MET A 128 13.96 -13.63 12.39
CA MET A 128 14.55 -14.52 11.36
C MET A 128 13.48 -15.38 10.64
N THR A 129 12.26 -14.81 10.48
CA THR A 129 11.12 -15.47 9.82
C THR A 129 10.51 -14.58 8.75
N PHE A 130 9.97 -15.19 7.69
CA PHE A 130 9.31 -14.48 6.58
C PHE A 130 7.84 -14.28 6.90
N THR A 131 7.40 -13.01 6.98
CA THR A 131 6.01 -12.65 7.30
C THR A 131 5.12 -12.75 6.06
N ALA A 132 3.97 -13.43 6.20
CA ALA A 132 2.99 -13.62 5.13
C ALA A 132 1.83 -12.64 5.30
N ALA A 133 1.59 -11.81 4.27
CA ALA A 133 0.52 -10.81 4.26
C ALA A 133 -0.79 -11.37 3.70
N VAL A 134 -0.69 -12.30 2.74
CA VAL A 134 -1.83 -12.94 2.07
C VAL A 134 -1.88 -14.46 2.35
N PRO A 135 -3.05 -15.14 2.29
CA PRO A 135 -3.08 -16.59 2.55
C PRO A 135 -2.34 -17.44 1.50
N GLU A 136 -2.09 -16.86 0.31
CA GLU A 136 -1.36 -17.52 -0.79
C GLU A 136 0.17 -17.45 -0.59
N ALA A 137 0.63 -16.70 0.43
CA ALA A 137 2.05 -16.53 0.78
C ALA A 137 2.53 -17.57 1.81
N VAL A 138 1.58 -18.30 2.44
CA VAL A 138 1.83 -19.34 3.45
C VAL A 138 2.71 -20.49 2.87
N PRO A 139 2.47 -21.05 1.64
CA PRO A 139 3.38 -22.11 1.14
C PRO A 139 4.82 -21.64 0.90
N THR A 140 5.01 -20.33 0.58
CA THR A 140 6.32 -19.71 0.37
C THR A 140 7.00 -19.53 1.74
N LYS A 141 6.22 -19.14 2.77
CA LYS A 141 6.66 -18.95 4.16
C LYS A 141 7.17 -20.27 4.75
N ARG A 142 6.41 -21.36 4.53
CA ARG A 142 6.73 -22.71 5.01
C ARG A 142 8.01 -23.26 4.37
N LYS A 143 8.17 -23.07 3.04
CA LYS A 143 9.31 -23.52 2.25
C LYS A 143 10.61 -22.79 2.58
N TRP A 144 10.55 -21.45 2.70
CA TRP A 144 11.73 -20.60 2.98
C TRP A 144 12.23 -20.70 4.43
N GLU A 145 11.38 -21.18 5.36
CA GLU A 145 11.74 -21.33 6.77
C GLU A 145 12.47 -22.65 7.08
N GLU A 146 12.04 -23.78 6.45
CA GLU A 146 12.66 -25.10 6.66
C GLU A 146 14.08 -25.14 6.13
N GLY A 147 14.30 -24.60 4.93
CA GLY A 147 15.58 -24.58 4.24
C GLY A 147 16.64 -23.62 4.77
N ASP A 148 16.28 -22.82 5.80
CA ASP A 148 17.14 -21.82 6.47
C ASP A 148 17.77 -20.81 5.47
N TYR A 149 16.97 -20.37 4.48
CA TYR A 149 17.38 -19.40 3.46
C TYR A 149 17.48 -17.98 4.05
N ALA A 150 16.86 -17.78 5.24
CA ALA A 150 16.85 -16.53 6.00
C ALA A 150 18.24 -16.17 6.52
N GLU A 151 19.09 -17.19 6.80
CA GLU A 151 20.46 -17.02 7.29
C GLU A 151 21.37 -16.39 6.23
N GLY A 152 21.21 -16.83 4.99
CA GLY A 152 21.96 -16.33 3.83
C GLY A 152 21.54 -14.93 3.43
N LEU A 153 20.23 -14.63 3.60
CA LEU A 153 19.65 -13.32 3.31
C LEU A 153 20.07 -12.29 4.38
N LYS A 154 20.17 -12.73 5.66
CA LYS A 154 20.60 -11.89 6.79
C LYS A 154 22.09 -11.58 6.65
N GLN A 155 22.87 -12.53 6.11
CA GLN A 155 24.30 -12.41 5.85
C GLN A 155 24.54 -11.35 4.77
N TYR A 156 23.65 -11.29 3.76
CA TYR A 156 23.71 -10.33 2.66
C TYR A 156 23.43 -8.90 3.13
N LEU A 157 22.25 -8.66 3.73
CA LEU A 157 21.81 -7.34 4.21
C LEU A 157 22.72 -6.68 5.25
N GLU A 158 23.40 -7.50 6.08
CA GLU A 158 24.28 -7.00 7.14
C GLU A 158 25.76 -6.92 6.75
N GLU A 159 26.23 -7.80 5.84
CA GLU A 159 27.63 -7.86 5.43
C GLU A 159 27.90 -7.49 3.97
N THR A 160 27.36 -8.27 3.02
CA THR A 160 27.57 -8.11 1.57
C THR A 160 27.06 -6.76 1.03
N CYS A 161 25.86 -6.32 1.48
CA CYS A 161 25.23 -5.07 1.09
C CYS A 161 26.04 -3.84 1.54
N VAL A 162 26.46 -3.84 2.82
CA VAL A 162 27.22 -2.76 3.46
C VAL A 162 28.63 -2.60 2.84
N GLU A 163 29.35 -3.73 2.65
CA GLU A 163 30.69 -3.75 2.07
C GLU A 163 30.73 -3.19 0.65
N TRP A 164 29.74 -3.55 -0.19
CA TRP A 164 29.64 -3.07 -1.57
C TRP A 164 29.24 -1.59 -1.64
N LEU A 165 28.22 -1.18 -0.83
CA LEU A 165 27.74 0.21 -0.77
C LEU A 165 28.86 1.18 -0.37
N ARG A 166 29.70 0.78 0.62
CA ARG A 166 30.85 1.55 1.09
C ARG A 166 31.90 1.72 0.01
N ARG A 167 32.00 0.73 -0.92
CA ARG A 167 32.92 0.78 -2.05
C ARG A 167 32.38 1.68 -3.15
N TYR A 168 31.05 1.61 -3.46
CA TYR A 168 30.38 2.44 -4.47
C TYR A 168 30.42 3.93 -4.14
N VAL A 169 30.30 4.27 -2.84
CA VAL A 169 30.37 5.63 -2.32
C VAL A 169 31.79 6.18 -2.54
N GLU A 170 32.82 5.33 -2.31
CA GLU A 170 34.23 5.65 -2.50
C GLU A 170 34.56 5.86 -3.99
N TYR A 171 33.87 5.11 -4.90
CA TYR A 171 34.06 5.21 -6.35
C TYR A 171 33.49 6.53 -6.89
N GLY A 172 32.33 6.93 -6.39
CA GLY A 172 31.65 8.15 -6.80
C GLY A 172 31.60 9.22 -5.72
N LYS A 173 32.75 9.45 -5.04
CA LYS A 173 32.90 10.43 -3.96
C LYS A 173 32.64 11.87 -4.43
N ALA A 174 33.19 12.24 -5.61
CA ALA A 174 33.05 13.57 -6.20
C ALA A 174 31.67 13.79 -6.85
N GLU A 175 31.06 12.71 -7.37
CA GLU A 175 29.75 12.75 -8.05
C GLU A 175 28.56 12.79 -7.08
N LEU A 176 28.57 11.94 -6.04
CA LEU A 176 27.50 11.87 -5.04
C LEU A 176 27.50 13.03 -4.06
N GLY A 177 28.70 13.50 -3.70
CA GLY A 177 28.89 14.60 -2.77
C GLY A 177 28.99 15.98 -3.40
N ARG A 178 28.58 16.11 -4.68
CA ARG A 178 28.62 17.39 -5.40
C ARG A 178 27.44 18.30 -5.03
N ARG A 179 27.60 19.61 -5.28
CA ARG A 179 26.59 20.64 -5.02
C ARG A 179 26.28 21.35 -6.35
N GLU A 180 25.03 21.24 -6.83
CA GLU A 180 24.60 21.86 -8.08
C GLU A 180 23.52 22.91 -7.82
N ARG A 181 23.80 24.17 -8.21
CA ARG A 181 22.92 25.33 -8.02
C ARG A 181 21.69 25.27 -8.94
N PRO A 182 20.47 25.55 -8.41
CA PRO A 182 19.28 25.54 -9.27
C PRO A 182 19.02 26.86 -9.98
N GLU A 183 18.49 26.77 -11.22
CA GLU A 183 18.11 27.93 -12.01
C GLU A 183 16.65 28.21 -11.70
N VAL A 184 16.38 29.34 -11.03
CA VAL A 184 15.02 29.69 -10.59
C VAL A 184 14.36 30.74 -11.50
N ARG A 185 13.15 30.42 -11.98
CA ARG A 185 12.33 31.27 -12.82
C ARG A 185 10.96 31.51 -12.18
N VAL A 186 10.54 32.78 -12.09
CA VAL A 186 9.26 33.18 -11.52
C VAL A 186 8.36 33.78 -12.61
N TRP A 187 7.18 33.19 -12.83
CA TRP A 187 6.21 33.64 -13.84
C TRP A 187 4.79 33.69 -13.30
N GLY A 188 4.11 34.79 -13.60
CA GLY A 188 2.73 35.04 -13.16
C GLY A 188 1.72 34.97 -14.29
N LYS A 189 0.52 34.42 -13.99
CA LYS A 189 -0.59 34.27 -14.93
C LYS A 189 -1.88 34.76 -14.28
N GLU A 190 -2.57 35.72 -14.93
CA GLU A 190 -3.81 36.30 -14.42
C GLU A 190 -5.02 35.77 -15.20
N ALA A 191 -5.96 35.13 -14.48
CA ALA A 191 -7.19 34.55 -15.03
C ALA A 191 -8.30 34.49 -13.97
N ASP A 192 -9.52 34.94 -14.36
CA ASP A 192 -10.75 34.98 -13.55
C ASP A 192 -10.57 35.69 -12.19
N GLY A 193 -9.84 36.81 -12.20
CA GLY A 193 -9.55 37.61 -11.02
C GLY A 193 -8.62 36.96 -10.02
N ILE A 194 -7.77 36.03 -10.49
CA ILE A 194 -6.80 35.29 -9.67
C ILE A 194 -5.43 35.35 -10.35
N LEU A 195 -4.40 35.81 -9.62
CA LEU A 195 -3.03 35.89 -10.10
C LEU A 195 -2.25 34.69 -9.57
N THR A 196 -1.90 33.74 -10.46
CA THR A 196 -1.16 32.54 -10.10
C THR A 196 0.34 32.74 -10.33
N LEU A 197 1.11 32.80 -9.23
CA LEU A 197 2.56 32.98 -9.27
C LEU A 197 3.27 31.64 -9.19
N SER A 198 4.02 31.30 -10.24
CA SER A 198 4.76 30.03 -10.35
C SER A 198 6.25 30.22 -10.12
N CYS A 199 6.83 29.40 -9.22
CA CYS A 199 8.27 29.41 -8.92
C CYS A 199 8.83 28.05 -9.30
N ARG A 200 9.69 28.02 -10.33
CA ARG A 200 10.27 26.79 -10.88
C ARG A 200 11.80 26.74 -10.72
N ALA A 201 12.32 25.62 -10.18
CA ALA A 201 13.75 25.38 -9.99
C ALA A 201 14.24 24.30 -10.96
N HIS A 202 15.29 24.63 -11.74
CA HIS A 202 15.86 23.73 -12.75
C HIS A 202 17.27 23.21 -12.44
N GLY A 203 17.44 21.90 -12.60
CA GLY A 203 18.70 21.15 -12.49
C GLY A 203 19.56 21.20 -11.25
N PHE A 204 19.00 20.91 -10.07
CA PHE A 204 19.75 20.91 -8.80
C PHE A 204 20.13 19.52 -8.26
N TYR A 205 21.26 19.45 -7.51
CA TYR A 205 21.78 18.25 -6.84
C TYR A 205 22.43 18.65 -5.49
N PRO A 206 22.17 17.96 -4.34
CA PRO A 206 21.33 16.75 -4.16
C PRO A 206 19.82 17.00 -4.21
N ARG A 207 19.04 15.91 -4.07
CA ARG A 207 17.57 15.86 -4.11
C ARG A 207 16.85 16.76 -3.06
N PRO A 208 17.24 16.83 -1.75
CA PRO A 208 16.47 17.67 -0.80
C PRO A 208 16.47 19.16 -1.11
N ILE A 209 15.27 19.76 -1.17
CA ILE A 209 15.05 21.19 -1.45
C ILE A 209 13.81 21.71 -0.70
N VAL A 210 13.87 22.97 -0.23
CA VAL A 210 12.77 23.62 0.49
C VAL A 210 12.40 24.90 -0.29
N VAL A 211 11.28 24.85 -1.03
CA VAL A 211 10.78 25.97 -1.83
C VAL A 211 9.51 26.50 -1.15
N SER A 212 9.55 27.76 -0.67
CA SER A 212 8.43 28.39 0.04
C SER A 212 8.12 29.78 -0.49
N TRP A 213 6.81 30.13 -0.54
CA TRP A 213 6.33 31.43 -0.97
C TRP A 213 6.17 32.35 0.24
N LEU A 214 6.60 33.61 0.09
CA LEU A 214 6.55 34.63 1.14
C LEU A 214 5.79 35.87 0.69
N LYS A 215 4.89 36.38 1.54
CA LYS A 215 4.11 37.59 1.30
C LYS A 215 4.43 38.58 2.42
N ASP A 216 4.99 39.76 2.04
CA ASP A 216 5.41 40.86 2.92
C ASP A 216 6.49 40.42 3.96
N GLY A 217 7.27 39.41 3.59
CA GLY A 217 8.33 38.85 4.43
C GLY A 217 7.91 37.66 5.28
N ALA A 218 6.59 37.37 5.33
CA ALA A 218 6.01 36.26 6.08
C ALA A 218 5.62 35.11 5.16
N VAL A 219 6.00 33.87 5.53
CA VAL A 219 5.75 32.64 4.76
C VAL A 219 4.23 32.31 4.68
N ARG A 220 3.78 31.89 3.48
CA ARG A 220 2.40 31.49 3.18
C ARG A 220 2.44 30.02 2.76
N GLY A 221 1.97 29.14 3.65
CA GLY A 221 2.00 27.69 3.47
C GLY A 221 0.82 27.02 2.80
N GLN A 222 -0.33 26.99 3.51
CA GLN A 222 -1.59 26.34 3.08
C GLN A 222 -2.10 26.72 1.68
N ASP A 223 -1.79 27.94 1.20
CA ASP A 223 -2.21 28.42 -0.12
C ASP A 223 -1.33 27.89 -1.26
N ALA A 224 -0.07 27.51 -0.94
CA ALA A 224 0.90 27.02 -1.93
C ALA A 224 0.67 25.55 -2.34
N GLN A 225 0.73 25.30 -3.66
CA GLN A 225 0.55 23.98 -4.27
C GLN A 225 1.86 23.56 -4.95
N SER A 226 2.38 22.39 -4.55
CA SER A 226 3.65 21.85 -5.08
C SER A 226 3.45 20.54 -5.83
N GLY A 227 4.39 20.22 -6.72
CA GLY A 227 4.39 18.99 -7.50
C GLY A 227 5.47 18.02 -7.06
N GLY A 228 6.09 18.28 -5.91
CA GLY A 228 7.15 17.47 -5.35
C GLY A 228 8.47 17.63 -6.08
N ILE A 229 9.41 16.70 -5.82
CA ILE A 229 10.72 16.72 -6.47
C ILE A 229 10.74 15.67 -7.60
N VAL A 230 10.77 16.15 -8.84
CA VAL A 230 10.76 15.35 -10.07
C VAL A 230 12.18 15.25 -10.68
N PRO A 231 12.60 14.09 -11.26
CA PRO A 231 13.97 14.00 -11.78
C PRO A 231 14.17 14.40 -13.25
N ASN A 232 15.45 14.66 -13.61
CA ASN A 232 15.88 15.00 -14.96
C ASN A 232 16.67 13.80 -15.53
N GLY A 233 16.82 13.75 -16.85
CA GLY A 233 17.51 12.68 -17.55
C GLY A 233 19.02 12.60 -17.35
N ASP A 234 19.64 13.68 -16.81
CA ASP A 234 21.08 13.76 -16.59
C ASP A 234 21.53 13.56 -15.13
N GLY A 235 20.60 13.18 -14.25
CA GLY A 235 20.87 12.94 -12.84
C GLY A 235 20.52 14.08 -11.90
N THR A 236 20.14 15.24 -12.46
CA THR A 236 19.74 16.42 -11.69
C THR A 236 18.24 16.36 -11.33
N TYR A 237 17.76 17.33 -10.52
CA TYR A 237 16.36 17.35 -10.10
C TYR A 237 15.64 18.66 -10.46
N HIS A 238 14.29 18.62 -10.43
CA HIS A 238 13.38 19.71 -10.78
C HIS A 238 12.22 19.77 -9.78
N THR A 239 11.66 20.98 -9.56
CA THR A 239 10.52 21.24 -8.67
C THR A 239 9.77 22.53 -9.03
N TRP A 240 8.46 22.58 -8.75
CA TRP A 240 7.61 23.75 -8.97
C TRP A 240 6.61 23.96 -7.84
N VAL A 241 6.46 25.22 -7.40
CA VAL A 241 5.52 25.63 -6.34
C VAL A 241 4.71 26.82 -6.86
N THR A 242 3.38 26.69 -6.87
CA THR A 242 2.45 27.72 -7.34
C THR A 242 1.59 28.25 -6.20
N ILE A 243 1.26 29.55 -6.24
CA ILE A 243 0.42 30.19 -5.22
C ILE A 243 -0.64 31.09 -5.87
N ASP A 244 -1.87 31.05 -5.32
CA ASP A 244 -2.99 31.87 -5.80
C ASP A 244 -3.05 33.16 -4.99
N ALA A 245 -2.99 34.30 -5.68
CA ALA A 245 -2.98 35.63 -5.07
C ALA A 245 -3.95 36.61 -5.74
N GLN A 246 -4.29 37.70 -5.04
CA GLN A 246 -5.16 38.75 -5.54
C GLN A 246 -4.43 39.58 -6.61
N PRO A 247 -5.10 40.00 -7.73
CA PRO A 247 -4.40 40.79 -8.75
C PRO A 247 -4.03 42.18 -8.22
N GLY A 248 -2.74 42.50 -8.32
CA GLY A 248 -2.18 43.77 -7.83
C GLY A 248 -1.39 43.60 -6.55
N ASP A 249 -0.98 42.35 -6.25
CA ASP A 249 -0.22 41.99 -5.05
C ASP A 249 1.07 41.22 -5.39
N GLY A 250 1.32 40.99 -6.68
CA GLY A 250 2.47 40.25 -7.20
C GLY A 250 3.83 40.67 -6.70
N ASP A 251 4.06 42.01 -6.58
CA ASP A 251 5.32 42.57 -6.08
C ASP A 251 5.58 42.27 -4.61
N LYS A 252 4.51 42.04 -3.82
CA LYS A 252 4.59 41.71 -2.38
C LYS A 252 5.07 40.27 -2.15
N TYR A 253 4.91 39.40 -3.17
CA TYR A 253 5.30 37.99 -3.13
C TYR A 253 6.75 37.74 -3.54
N GLN A 254 7.43 36.85 -2.79
CA GLN A 254 8.82 36.44 -3.01
C GLN A 254 8.99 34.95 -2.78
N CYS A 255 9.69 34.27 -3.71
CA CYS A 255 9.99 32.86 -3.64
C CYS A 255 11.33 32.63 -2.94
N ARG A 256 11.36 31.77 -1.92
CA ARG A 256 12.56 31.44 -1.16
C ARG A 256 12.98 30.00 -1.46
N VAL A 257 14.21 29.82 -1.97
CA VAL A 257 14.76 28.51 -2.31
C VAL A 257 15.89 28.14 -1.34
N GLU A 258 15.68 27.06 -0.58
CA GLU A 258 16.63 26.54 0.40
C GLU A 258 17.26 25.25 -0.13
N HIS A 259 18.56 25.32 -0.47
CA HIS A 259 19.32 24.20 -1.01
C HIS A 259 20.75 24.18 -0.47
N ALA A 260 21.37 22.98 -0.42
CA ALA A 260 22.74 22.78 0.07
C ALA A 260 23.81 23.47 -0.77
N SER A 261 23.56 23.63 -2.09
CA SER A 261 24.47 24.29 -3.03
C SER A 261 24.57 25.79 -2.76
N LEU A 262 23.43 26.42 -2.37
CA LEU A 262 23.35 27.84 -2.06
C LEU A 262 23.83 28.08 -0.61
N PRO A 263 24.84 28.96 -0.38
CA PRO A 263 25.29 29.20 1.00
C PRO A 263 24.25 29.88 1.89
N GLN A 264 23.43 30.75 1.29
CA GLN A 264 22.34 31.48 1.94
C GLN A 264 21.07 31.35 1.08
N PRO A 265 19.85 31.20 1.69
CA PRO A 265 18.63 31.04 0.88
C PRO A 265 18.37 32.15 -0.13
N GLY A 266 18.26 31.77 -1.40
CA GLY A 266 18.03 32.67 -2.51
C GLY A 266 16.61 33.18 -2.60
N LEU A 267 16.46 34.51 -2.70
CA LEU A 267 15.16 35.18 -2.82
C LEU A 267 14.93 35.62 -4.26
N TYR A 268 13.79 35.21 -4.83
CA TYR A 268 13.41 35.50 -6.22
C TYR A 268 12.00 36.07 -6.30
N SER A 269 11.71 36.83 -7.37
CA SER A 269 10.40 37.44 -7.62
C SER A 269 10.12 37.51 -9.12
N TRP A 270 8.88 37.87 -9.52
CA TRP A 270 8.49 37.99 -10.92
C TRP A 270 9.17 39.18 -11.63
N GLU A 271 9.80 40.09 -10.85
CA GLU A 271 10.54 41.28 -11.29
C GLU A 271 9.76 42.18 -12.25
N ASP B 1 -7.15 6.61 -7.53
CA ASP B 1 -6.60 5.50 -6.76
C ASP B 1 -5.18 5.15 -7.26
N LEU B 2 -5.06 4.72 -8.53
CA LEU B 2 -3.79 4.33 -9.15
C LEU B 2 -3.54 5.01 -10.52
N THR B 3 -4.17 6.18 -10.74
CA THR B 3 -4.02 6.98 -11.97
C THR B 3 -2.64 7.65 -11.98
N PRO B 4 -1.97 7.80 -13.17
CA PRO B 4 -0.64 8.43 -13.17
C PRO B 4 -0.68 9.94 -13.02
N LYS B 5 0.12 10.48 -12.09
CA LYS B 5 0.27 11.91 -11.84
C LYS B 5 1.38 12.39 -12.78
N VAL B 6 1.00 13.14 -13.82
CA VAL B 6 1.91 13.59 -14.88
C VAL B 6 2.31 15.07 -14.75
N GLN B 7 3.60 15.36 -15.00
CA GLN B 7 4.21 16.69 -14.98
C GLN B 7 5.10 16.88 -16.22
N VAL B 8 4.90 17.98 -16.96
CA VAL B 8 5.67 18.32 -18.16
C VAL B 8 6.53 19.55 -17.87
N TYR B 9 7.84 19.44 -18.10
CA TYR B 9 8.83 20.49 -17.81
C TYR B 9 10.09 20.38 -18.66
N SER B 10 10.89 21.45 -18.72
CA SER B 10 12.16 21.51 -19.45
C SER B 10 13.35 21.40 -18.50
N ARG B 11 14.48 20.85 -19.00
CA ARG B 11 15.73 20.67 -18.23
C ARG B 11 16.33 22.02 -17.81
N PHE B 12 16.47 22.95 -18.77
CA PHE B 12 16.98 24.30 -18.55
C PHE B 12 15.86 25.32 -18.77
N PRO B 13 15.91 26.55 -18.17
CA PRO B 13 14.83 27.53 -18.42
C PRO B 13 14.67 27.80 -19.92
N ALA B 14 13.42 27.63 -20.42
CA ALA B 14 13.06 27.77 -21.84
C ALA B 14 13.38 29.12 -22.47
N SER B 15 13.93 29.07 -23.69
CA SER B 15 14.29 30.22 -24.52
C SER B 15 14.16 29.82 -25.98
N ALA B 16 13.54 30.69 -26.80
CA ALA B 16 13.33 30.46 -28.24
C ALA B 16 14.66 30.42 -29.00
N GLY B 17 14.91 29.29 -29.67
CA GLY B 17 16.13 29.07 -30.44
C GLY B 17 17.23 28.33 -29.71
N THR B 18 17.22 28.39 -28.36
CA THR B 18 18.21 27.75 -27.49
C THR B 18 17.88 26.25 -27.34
N LYS B 19 18.91 25.38 -27.41
CA LYS B 19 18.79 23.92 -27.27
C LYS B 19 18.36 23.54 -25.85
N ASN B 20 17.39 22.61 -25.74
CA ASN B 20 16.85 22.15 -24.46
C ASN B 20 16.44 20.67 -24.49
N VAL B 21 15.94 20.16 -23.35
CA VAL B 21 15.46 18.77 -23.20
C VAL B 21 14.06 18.84 -22.58
N LEU B 22 13.06 18.23 -23.24
CA LEU B 22 11.69 18.20 -22.75
C LEU B 22 11.42 16.91 -21.98
N ASN B 23 11.14 17.04 -20.67
CA ASN B 23 10.89 15.92 -19.77
C ASN B 23 9.41 15.74 -19.48
N CYS B 24 8.97 14.47 -19.40
CA CYS B 24 7.61 14.08 -19.05
C CYS B 24 7.69 12.98 -18.00
N PHE B 25 7.29 13.30 -16.77
CA PHE B 25 7.36 12.37 -15.65
C PHE B 25 5.97 11.98 -15.12
N ALA B 26 5.70 10.66 -15.12
CA ALA B 26 4.46 10.08 -14.62
C ALA B 26 4.79 9.20 -13.42
N ALA B 27 4.02 9.33 -12.32
CA ALA B 27 4.24 8.56 -11.09
C ALA B 27 2.94 8.15 -10.39
N GLY B 28 3.05 7.17 -9.49
CA GLY B 28 1.94 6.65 -8.70
C GLY B 28 0.95 5.81 -9.47
N PHE B 29 1.42 5.04 -10.47
CA PHE B 29 0.58 4.19 -11.31
C PHE B 29 0.88 2.69 -11.20
N HIS B 30 -0.16 1.87 -11.41
CA HIS B 30 -0.13 0.40 -11.41
C HIS B 30 -1.33 -0.11 -12.22
N PRO B 31 -1.20 -1.09 -13.16
CA PRO B 31 -0.01 -1.88 -13.56
C PRO B 31 1.13 -1.07 -14.23
N PRO B 32 2.36 -1.64 -14.34
CA PRO B 32 3.47 -0.87 -14.95
C PRO B 32 3.34 -0.50 -16.43
N LYS B 33 2.52 -1.25 -17.21
CA LYS B 33 2.32 -0.98 -18.64
C LYS B 33 1.75 0.43 -18.85
N ILE B 34 2.54 1.29 -19.51
CA ILE B 34 2.19 2.70 -19.77
C ILE B 34 2.73 3.18 -21.13
N SER B 35 1.98 4.09 -21.77
CA SER B 35 2.35 4.69 -23.05
C SER B 35 2.49 6.21 -22.87
N ILE B 36 3.75 6.67 -22.69
CA ILE B 36 4.07 8.09 -22.50
C ILE B 36 4.79 8.59 -23.77
N THR B 37 4.16 9.54 -24.48
CA THR B 37 4.70 10.10 -25.73
C THR B 37 4.78 11.62 -25.71
N LEU B 38 5.96 12.17 -26.05
CA LEU B 38 6.19 13.62 -26.15
C LEU B 38 5.75 14.08 -27.53
N MET B 39 4.87 15.09 -27.59
CA MET B 39 4.32 15.58 -28.86
C MET B 39 4.58 17.05 -29.13
N LYS B 40 4.93 17.37 -30.39
CA LYS B 40 5.17 18.71 -30.90
C LYS B 40 4.09 18.99 -31.96
N ASP B 41 3.14 19.90 -31.63
CA ASP B 41 2.01 20.32 -32.46
C ASP B 41 1.10 19.14 -32.87
N GLY B 42 0.84 18.24 -31.91
CA GLY B 42 -0.01 17.08 -32.08
C GLY B 42 0.60 15.91 -32.85
N VAL B 43 1.94 15.84 -32.93
CA VAL B 43 2.69 14.77 -33.61
C VAL B 43 3.94 14.37 -32.78
N PRO B 44 4.27 13.05 -32.63
CA PRO B 44 5.44 12.65 -31.82
C PRO B 44 6.75 13.39 -32.11
N MET B 45 7.56 13.60 -31.06
CA MET B 45 8.82 14.34 -31.10
C MET B 45 10.07 13.49 -31.39
N GLU B 46 10.14 12.92 -32.61
CA GLU B 46 11.24 12.11 -33.16
C GLU B 46 11.87 11.11 -32.14
N GLY B 47 13.18 11.19 -31.93
CA GLY B 47 13.93 10.32 -31.04
C GLY B 47 13.84 10.67 -29.57
N ALA B 48 12.89 10.03 -28.85
CA ALA B 48 12.68 10.22 -27.42
C ALA B 48 13.28 9.06 -26.63
N GLN B 49 14.01 9.38 -25.56
CA GLN B 49 14.66 8.39 -24.69
C GLN B 49 13.80 8.04 -23.48
N TYR B 50 13.61 6.73 -23.24
CA TYR B 50 12.82 6.18 -22.14
C TYR B 50 13.75 5.71 -21.03
N SER B 51 13.67 6.36 -19.86
CA SER B 51 14.52 6.02 -18.69
C SER B 51 14.10 4.70 -18.04
N ASP B 52 15.04 4.07 -17.30
CA ASP B 52 14.81 2.79 -16.60
C ASP B 52 13.72 2.91 -15.55
N MET B 53 12.69 2.04 -15.68
CA MET B 53 11.52 1.96 -14.82
C MET B 53 11.86 1.74 -13.34
N SER B 54 11.17 2.48 -12.45
CA SER B 54 11.36 2.43 -11.00
C SER B 54 10.02 2.43 -10.26
N PHE B 55 10.03 1.95 -9.00
CA PHE B 55 8.87 1.93 -8.11
C PHE B 55 9.26 2.24 -6.67
N ASN B 56 8.34 2.85 -5.90
CA ASN B 56 8.57 3.23 -4.51
C ASN B 56 8.08 2.15 -3.53
N ASP B 57 8.06 2.47 -2.21
CA ASP B 57 7.65 1.57 -1.12
C ASP B 57 6.22 1.05 -1.23
N ASP B 58 5.29 1.87 -1.77
CA ASP B 58 3.88 1.52 -1.94
C ASP B 58 3.61 0.69 -3.22
N TRP B 59 4.69 0.22 -3.89
CA TRP B 59 4.73 -0.60 -5.11
C TRP B 59 4.23 0.13 -6.38
N THR B 60 3.95 1.45 -6.28
CA THR B 60 3.49 2.24 -7.42
C THR B 60 4.67 2.63 -8.31
N PHE B 61 4.51 2.47 -9.63
CA PHE B 61 5.55 2.72 -10.63
C PHE B 61 5.71 4.19 -11.03
N GLN B 62 6.88 4.52 -11.61
CA GLN B 62 7.24 5.84 -12.11
C GLN B 62 8.18 5.74 -13.33
N ARG B 63 7.97 6.61 -14.33
CA ARG B 63 8.76 6.62 -15.56
C ARG B 63 8.98 8.04 -16.09
N LEU B 64 10.20 8.34 -16.57
CA LEU B 64 10.59 9.62 -17.15
C LEU B 64 10.93 9.45 -18.63
N VAL B 65 10.35 10.32 -19.48
CA VAL B 65 10.59 10.32 -20.93
C VAL B 65 11.20 11.68 -21.28
N HIS B 66 12.42 11.67 -21.83
CA HIS B 66 13.14 12.89 -22.21
C HIS B 66 13.64 12.85 -23.65
N ALA B 67 13.61 14.01 -24.32
CA ALA B 67 14.07 14.17 -25.71
C ALA B 67 14.67 15.55 -25.94
N ASP B 68 15.78 15.61 -26.69
CA ASP B 68 16.47 16.85 -27.04
C ASP B 68 15.62 17.61 -28.05
N PHE B 69 15.31 18.89 -27.76
CA PHE B 69 14.47 19.73 -28.62
C PHE B 69 14.88 21.21 -28.60
N THR B 70 14.39 21.97 -29.59
CA THR B 70 14.64 23.41 -29.69
C THR B 70 13.28 24.13 -29.64
N PRO B 71 12.89 24.71 -28.48
CA PRO B 71 11.58 25.40 -28.40
C PRO B 71 11.45 26.59 -29.34
N SER B 72 10.32 26.66 -30.05
CA SER B 72 10.02 27.73 -31.01
C SER B 72 8.67 28.37 -30.70
N SER B 73 8.58 29.69 -30.93
CA SER B 73 7.36 30.48 -30.71
C SER B 73 6.28 30.09 -31.73
N GLY B 74 5.06 29.90 -31.24
CA GLY B 74 3.91 29.52 -32.06
C GLY B 74 3.70 28.02 -32.17
N SER B 75 4.55 27.23 -31.48
CA SER B 75 4.49 25.77 -31.45
C SER B 75 4.03 25.28 -30.07
N THR B 76 3.03 24.38 -30.06
CA THR B 76 2.48 23.81 -28.83
C THR B 76 3.15 22.47 -28.51
N TYR B 77 3.74 22.37 -27.31
CA TYR B 77 4.41 21.17 -26.82
C TYR B 77 3.56 20.53 -25.73
N ALA B 78 3.27 19.22 -25.86
CA ALA B 78 2.44 18.48 -24.91
C ALA B 78 2.92 17.04 -24.72
N CYS B 79 2.34 16.33 -23.72
CA CYS B 79 2.68 14.94 -23.41
C CYS B 79 1.41 14.09 -23.34
N LYS B 80 1.36 13.03 -24.18
CA LYS B 80 0.24 12.10 -24.26
C LYS B 80 0.52 10.89 -23.37
N VAL B 81 -0.39 10.60 -22.41
CA VAL B 81 -0.24 9.49 -21.47
C VAL B 81 -1.45 8.54 -21.58
N GLU B 82 -1.18 7.25 -21.87
CA GLU B 82 -2.18 6.19 -21.98
C GLU B 82 -1.94 5.12 -20.92
N HIS B 83 -2.99 4.82 -20.12
CA HIS B 83 -2.93 3.84 -19.05
C HIS B 83 -4.27 3.12 -18.87
N GLU B 84 -4.24 1.89 -18.30
CA GLU B 84 -5.40 1.04 -18.03
C GLU B 84 -6.39 1.69 -17.05
N THR B 85 -5.89 2.48 -16.09
CA THR B 85 -6.68 3.17 -15.07
C THR B 85 -7.47 4.35 -15.67
N LEU B 86 -6.96 4.95 -16.76
CA LEU B 86 -7.60 6.08 -17.44
C LEU B 86 -8.52 5.60 -18.56
N LYS B 87 -9.75 6.15 -18.59
CA LYS B 87 -10.79 5.81 -19.58
C LYS B 87 -10.45 6.37 -20.97
N GLU B 88 -9.91 7.61 -21.01
CA GLU B 88 -9.52 8.31 -22.24
C GLU B 88 -8.05 8.75 -22.18
N PRO B 89 -7.31 8.83 -23.32
CA PRO B 89 -5.90 9.28 -23.26
C PRO B 89 -5.77 10.71 -22.75
N GLN B 90 -4.90 10.92 -21.75
CA GLN B 90 -4.69 12.23 -21.12
C GLN B 90 -3.53 13.01 -21.76
N VAL B 91 -3.81 14.26 -22.15
CA VAL B 91 -2.85 15.17 -22.77
C VAL B 91 -2.52 16.30 -21.79
N TYR B 92 -1.22 16.48 -21.50
CA TYR B 92 -0.73 17.50 -20.57
C TYR B 92 0.13 18.52 -21.31
N LYS B 93 -0.37 19.76 -21.45
CA LYS B 93 0.32 20.86 -22.13
C LYS B 93 1.49 21.43 -21.33
N TRP B 94 2.62 21.69 -22.02
CA TRP B 94 3.81 22.25 -21.41
C TRP B 94 3.76 23.77 -21.48
N ASP B 95 3.91 24.43 -20.31
CA ASP B 95 3.91 25.89 -20.21
C ASP B 95 5.34 26.35 -20.49
N PRO B 96 5.59 27.09 -21.60
CA PRO B 96 6.96 27.51 -21.92
C PRO B 96 7.56 28.48 -20.92
N GLU B 97 6.72 29.40 -20.37
CA GLU B 97 7.06 30.43 -19.39
C GLU B 97 8.20 31.35 -19.89
N PHE B 98 7.92 32.08 -21.00
CA PHE B 98 8.82 33.06 -21.63
C PHE B 98 8.07 33.93 -22.66
N SER C 1 -11.28 5.35 24.09
CA SER C 1 -11.87 6.64 23.74
C SER C 1 -11.30 7.16 22.43
N TRP C 2 -12.18 7.71 21.56
CA TRP C 2 -11.81 8.30 20.27
C TRP C 2 -11.01 9.58 20.49
N PHE C 3 -10.06 9.87 19.58
CA PHE C 3 -9.28 11.09 19.66
C PHE C 3 -10.03 12.24 19.00
N ARG C 4 -10.11 13.38 19.71
CA ARG C 4 -10.75 14.59 19.20
C ARG C 4 -9.74 15.29 18.30
N LYS C 5 -10.02 15.33 16.97
CA LYS C 5 -9.15 15.96 15.98
C LYS C 5 -9.05 17.47 16.27
N PRO C 6 -7.82 18.01 16.51
CA PRO C 6 -7.71 19.42 16.85
C PRO C 6 -7.59 20.38 15.66
N MET C 7 -7.57 19.85 14.41
CA MET C 7 -7.47 20.65 13.18
C MET C 7 -7.85 19.89 11.90
N THR C 8 -8.43 20.61 10.93
CA THR C 8 -8.83 20.11 9.61
C THR C 8 -7.58 20.04 8.70
N ARG C 9 -7.64 19.19 7.67
CA ARG C 9 -6.55 19.02 6.71
C ARG C 9 -6.50 20.18 5.72
N LEU D 2 -0.37 -9.18 25.85
CA LEU D 2 -0.52 -8.38 24.64
C LEU D 2 -1.95 -7.83 24.53
N HIS D 3 -2.08 -6.49 24.55
CA HIS D 3 -3.36 -5.79 24.43
C HIS D 3 -3.23 -4.63 23.46
N THR D 4 -4.17 -4.53 22.49
CA THR D 4 -4.15 -3.49 21.45
C THR D 4 -5.45 -2.69 21.38
N LEU D 5 -5.33 -1.38 21.11
CA LEU D 5 -6.46 -0.48 20.91
C LEU D 5 -6.30 0.21 19.56
N ARG D 6 -7.29 0.04 18.66
CA ARG D 6 -7.26 0.62 17.32
C ARG D 6 -8.58 1.30 16.99
N TYR D 7 -8.50 2.53 16.46
CA TYR D 7 -9.65 3.32 16.03
C TYR D 7 -9.50 3.64 14.56
N ILE D 8 -10.46 3.20 13.74
CA ILE D 8 -10.45 3.44 12.29
C ILE D 8 -11.62 4.33 11.87
N GLN D 9 -11.34 5.30 10.98
CA GLN D 9 -12.32 6.27 10.48
C GLN D 9 -12.42 6.20 8.95
N THR D 10 -13.65 6.28 8.41
CA THR D 10 -13.92 6.24 6.96
C THR D 10 -14.92 7.32 6.54
N ALA D 11 -14.50 8.21 5.63
CA ALA D 11 -15.34 9.27 5.06
C ALA D 11 -15.48 9.01 3.56
N MET D 12 -16.72 8.82 3.09
CA MET D 12 -17.02 8.49 1.69
C MET D 12 -17.93 9.48 1.00
N THR D 13 -17.75 9.65 -0.33
CA THR D 13 -18.60 10.47 -1.20
C THR D 13 -19.62 9.56 -1.88
N ASP D 14 -19.23 8.28 -2.10
CA ASP D 14 -20.05 7.24 -2.72
C ASP D 14 -20.12 6.01 -1.78
N PRO D 15 -21.02 6.04 -0.75
CA PRO D 15 -21.10 4.90 0.20
C PRO D 15 -21.53 3.50 -0.33
N GLY D 16 -22.54 3.34 -1.21
CA GLY D 16 -23.38 4.33 -1.87
C GLY D 16 -24.86 4.26 -1.55
N PRO D 17 -25.62 3.31 -2.16
CA PRO D 17 -27.06 3.26 -1.89
C PRO D 17 -27.45 2.62 -0.56
N GLY D 18 -28.20 3.37 0.25
CA GLY D 18 -28.68 2.96 1.56
C GLY D 18 -27.59 2.65 2.57
N GLN D 19 -26.47 3.39 2.50
CA GLN D 19 -25.30 3.21 3.37
C GLN D 19 -24.79 4.55 3.94
N PRO D 20 -24.29 4.60 5.20
CA PRO D 20 -23.81 5.88 5.74
C PRO D 20 -22.47 6.32 5.15
N TRP D 21 -22.31 7.64 4.92
CA TRP D 21 -21.09 8.21 4.35
C TRP D 21 -19.92 8.24 5.32
N PHE D 22 -20.20 8.36 6.62
CA PHE D 22 -19.19 8.39 7.68
C PHE D 22 -19.36 7.20 8.62
N VAL D 23 -18.37 6.28 8.61
CA VAL D 23 -18.36 5.05 9.44
C VAL D 23 -17.04 5.02 10.23
N THR D 24 -17.13 4.79 11.55
CA THR D 24 -15.98 4.69 12.45
C THR D 24 -16.21 3.65 13.56
N VAL D 25 -15.21 2.78 13.78
CA VAL D 25 -15.26 1.71 14.78
C VAL D 25 -13.97 1.62 15.61
N GLY D 26 -14.09 0.98 16.78
CA GLY D 26 -12.98 0.75 17.70
C GLY D 26 -12.72 -0.73 17.93
N TYR D 27 -11.48 -1.07 18.29
CA TYR D 27 -11.07 -2.46 18.53
C TYR D 27 -10.21 -2.66 19.77
N VAL D 28 -10.59 -3.63 20.62
CA VAL D 28 -9.83 -4.01 21.82
C VAL D 28 -9.42 -5.47 21.60
N ASP D 29 -8.10 -5.69 21.43
CA ASP D 29 -7.46 -7.00 21.17
C ASP D 29 -8.06 -7.71 19.93
N GLY D 30 -8.38 -6.91 18.91
CA GLY D 30 -8.95 -7.39 17.65
C GLY D 30 -10.45 -7.59 17.64
N GLU D 31 -11.12 -7.28 18.78
CA GLU D 31 -12.57 -7.42 18.93
C GLU D 31 -13.30 -6.07 18.84
N LEU D 32 -14.38 -6.02 18.02
CA LEU D 32 -15.23 -4.86 17.80
C LEU D 32 -16.04 -4.57 19.08
N PHE D 33 -15.90 -3.34 19.63
CA PHE D 33 -16.57 -2.97 20.88
C PHE D 33 -17.42 -1.68 20.78
N VAL D 34 -17.04 -0.73 19.90
CA VAL D 34 -17.76 0.53 19.69
C VAL D 34 -18.01 0.82 18.21
N HIS D 35 -19.16 1.44 17.88
CA HIS D 35 -19.56 1.78 16.51
C HIS D 35 -20.32 3.11 16.41
N TYR D 36 -20.10 3.84 15.30
CA TYR D 36 -20.76 5.10 14.96
C TYR D 36 -20.94 5.22 13.46
N ASN D 37 -22.13 5.67 13.04
CA ASN D 37 -22.48 5.92 11.63
C ASN D 37 -23.22 7.24 11.48
N SER D 38 -23.05 7.91 10.32
CA SER D 38 -23.66 9.21 10.00
C SER D 38 -25.20 9.22 9.95
N THR D 39 -25.82 8.04 9.77
CA THR D 39 -27.28 7.89 9.71
C THR D 39 -27.89 7.91 11.12
N ALA D 40 -27.41 7.01 12.02
CA ALA D 40 -27.89 6.89 13.40
C ALA D 40 -27.47 8.07 14.29
N ARG D 41 -26.24 8.60 14.08
CA ARG D 41 -25.64 9.73 14.81
C ARG D 41 -25.55 9.50 16.33
N ARG D 42 -25.21 8.26 16.73
CA ARG D 42 -25.07 7.87 18.14
C ARG D 42 -24.09 6.69 18.28
N VAL D 43 -23.20 6.77 19.30
CA VAL D 43 -22.23 5.70 19.59
C VAL D 43 -22.96 4.56 20.31
N VAL D 44 -22.97 3.37 19.69
CA VAL D 44 -23.66 2.18 20.18
C VAL D 44 -22.64 1.07 20.54
N PRO D 45 -22.73 0.43 21.74
CA PRO D 45 -21.78 -0.65 22.06
C PRO D 45 -22.00 -1.90 21.21
N ARG D 46 -20.93 -2.69 20.99
CA ARG D 46 -21.01 -3.91 20.19
C ARG D 46 -20.74 -5.19 21.02
N THR D 47 -20.36 -5.01 22.31
CA THR D 47 -20.10 -6.10 23.26
C THR D 47 -20.88 -5.88 24.55
N GLU D 48 -21.27 -7.00 25.21
CA GLU D 48 -22.03 -6.99 26.47
C GLU D 48 -21.23 -6.40 27.63
N TRP D 49 -19.91 -6.67 27.69
CA TRP D 49 -19.01 -6.16 28.73
C TRP D 49 -18.83 -4.64 28.66
N MET D 50 -19.00 -4.06 27.47
CA MET D 50 -18.88 -2.62 27.23
C MET D 50 -20.09 -1.85 27.78
N ALA D 51 -21.32 -2.32 27.48
CA ALA D 51 -22.58 -1.70 27.90
C ALA D 51 -22.84 -1.82 29.40
N ALA D 52 -22.50 -2.97 30.00
CA ALA D 52 -22.70 -3.25 31.43
C ALA D 52 -21.76 -2.50 32.37
N ASN D 53 -20.57 -2.09 31.89
CA ASN D 53 -19.57 -1.39 32.68
C ASN D 53 -19.58 0.13 32.56
N THR D 54 -20.07 0.68 31.42
CA THR D 54 -20.11 2.13 31.20
C THR D 54 -21.50 2.73 31.44
N ASP D 55 -21.51 4.01 31.86
CA ASP D 55 -22.73 4.81 32.12
C ASP D 55 -23.12 5.65 30.90
N GLN D 56 -24.33 6.25 30.93
CA GLN D 56 -24.84 7.10 29.84
C GLN D 56 -24.03 8.39 29.66
N GLN D 57 -23.32 8.82 30.73
CA GLN D 57 -22.45 10.01 30.74
C GLN D 57 -21.27 9.82 29.78
N TYR D 58 -20.76 8.58 29.69
CA TYR D 58 -19.67 8.18 28.81
C TYR D 58 -20.16 8.13 27.35
N TRP D 59 -21.32 7.47 27.11
CA TRP D 59 -21.91 7.31 25.77
C TRP D 59 -22.30 8.62 25.12
N ASN D 60 -22.83 9.58 25.90
CA ASN D 60 -23.20 10.90 25.40
C ASN D 60 -21.98 11.79 25.12
N GLY D 61 -20.91 11.57 25.90
CA GLY D 61 -19.65 12.29 25.76
C GLY D 61 -18.84 11.86 24.55
N GLN D 62 -18.82 10.53 24.27
CA GLN D 62 -18.10 9.93 23.14
C GLN D 62 -18.70 10.34 21.80
N THR D 63 -20.05 10.45 21.73
CA THR D 63 -20.81 10.82 20.54
C THR D 63 -20.37 12.18 19.97
N GLN D 64 -20.15 13.17 20.86
CA GLN D 64 -19.74 14.52 20.48
C GLN D 64 -18.29 14.63 20.02
N ILE D 65 -17.41 13.72 20.49
CA ILE D 65 -16.00 13.65 20.08
C ILE D 65 -15.98 13.23 18.60
N VAL D 66 -16.85 12.25 18.25
CA VAL D 66 -17.02 11.70 16.90
C VAL D 66 -17.79 12.69 16.01
N GLN D 67 -18.84 13.36 16.55
CA GLN D 67 -19.66 14.34 15.84
C GLN D 67 -18.81 15.47 15.26
N GLY D 68 -17.80 15.90 16.03
CA GLY D 68 -16.84 16.91 15.63
C GLY D 68 -15.93 16.41 14.52
N ASN D 69 -15.50 15.13 14.62
CA ASN D 69 -14.65 14.45 13.64
C ASN D 69 -15.41 14.23 12.32
N GLU D 70 -16.73 14.05 12.39
CA GLU D 70 -17.63 13.88 11.24
C GLU D 70 -17.68 15.18 10.45
N GLN D 71 -17.73 16.32 11.16
CA GLN D 71 -17.76 17.67 10.61
C GLN D 71 -16.42 18.00 9.95
N ILE D 72 -15.30 17.58 10.58
CA ILE D 72 -13.93 17.78 10.10
C ILE D 72 -13.72 17.01 8.78
N ASP D 73 -14.14 15.73 8.74
CA ASP D 73 -14.05 14.87 7.55
C ASP D 73 -14.94 15.34 6.40
N ARG D 74 -16.09 15.98 6.72
CA ARG D 74 -17.04 16.53 5.73
C ARG D 74 -16.40 17.69 4.96
N ASP D 75 -15.68 18.58 5.68
CA ASP D 75 -14.97 19.71 5.10
C ASP D 75 -13.72 19.25 4.35
N ASP D 76 -13.01 18.25 4.89
CA ASP D 76 -11.79 17.68 4.30
C ASP D 76 -12.02 17.00 2.96
N LEU D 77 -13.21 16.40 2.74
CA LEU D 77 -13.58 15.75 1.47
C LEU D 77 -13.65 16.77 0.33
N GLY D 78 -14.12 17.99 0.65
CA GLY D 78 -14.22 19.10 -0.27
C GLY D 78 -12.90 19.82 -0.47
N THR D 79 -12.13 20.00 0.63
CA THR D 79 -10.83 20.66 0.66
C THR D 79 -9.78 19.88 -0.18
N LEU D 80 -9.74 18.54 -0.02
CA LEU D 80 -8.81 17.67 -0.74
C LEU D 80 -9.14 17.54 -2.23
N GLN D 81 -10.42 17.65 -2.60
CA GLN D 81 -10.87 17.59 -3.99
C GLN D 81 -10.36 18.81 -4.78
N ARG D 82 -10.26 19.97 -4.12
CA ARG D 82 -9.76 21.22 -4.70
C ARG D 82 -8.25 21.18 -4.93
N ARG D 83 -7.51 20.51 -4.01
CA ARG D 83 -6.05 20.36 -4.06
C ARG D 83 -5.61 19.43 -5.19
N TYR D 84 -6.36 18.33 -5.41
CA TYR D 84 -6.10 17.34 -6.46
C TYR D 84 -6.73 17.75 -7.80
N ASN D 85 -7.52 18.85 -7.80
CA ASN D 85 -8.25 19.41 -8.94
C ASN D 85 -9.25 18.41 -9.53
N GLN D 86 -10.20 17.97 -8.67
CA GLN D 86 -11.24 16.99 -9.01
C GLN D 86 -12.63 17.60 -8.81
N THR D 87 -13.49 17.46 -9.84
CA THR D 87 -14.85 17.99 -9.83
C THR D 87 -15.78 17.16 -8.93
N GLY D 88 -15.74 15.84 -9.09
CA GLY D 88 -16.54 14.89 -8.33
C GLY D 88 -16.05 13.47 -8.41
N GLY D 89 -16.98 12.52 -8.29
CA GLY D 89 -16.69 11.09 -8.35
C GLY D 89 -16.54 10.42 -7.00
N SER D 90 -16.11 9.15 -7.01
CA SER D 90 -15.92 8.34 -5.80
C SER D 90 -14.56 8.65 -5.15
N HIS D 91 -14.60 9.20 -3.92
CA HIS D 91 -13.42 9.56 -3.13
C HIS D 91 -13.58 9.11 -1.69
N THR D 92 -12.51 8.53 -1.11
CA THR D 92 -12.53 8.02 0.26
C THR D 92 -11.34 8.55 1.09
N VAL D 93 -11.62 8.99 2.33
CA VAL D 93 -10.63 9.47 3.30
C VAL D 93 -10.61 8.46 4.45
N GLN D 94 -9.45 7.82 4.66
CA GLN D 94 -9.27 6.81 5.70
C GLN D 94 -8.27 7.25 6.77
N LEU D 95 -8.57 6.95 8.04
CA LEU D 95 -7.72 7.28 9.17
C LEU D 95 -7.57 6.08 10.10
N MET D 96 -6.33 5.74 10.48
CA MET D 96 -6.00 4.64 11.36
C MET D 96 -5.05 5.11 12.45
N TYR D 97 -5.47 4.99 13.72
CA TYR D 97 -4.67 5.39 14.88
C TYR D 97 -4.92 4.51 16.10
N GLY D 98 -3.93 4.42 16.98
CA GLY D 98 -4.03 3.62 18.20
C GLY D 98 -2.71 3.35 18.90
N CYS D 99 -2.78 2.55 19.98
CA CYS D 99 -1.65 2.17 20.82
C CYS D 99 -1.60 0.66 21.06
N ASP D 100 -0.39 0.08 21.18
CA ASP D 100 -0.22 -1.35 21.42
C ASP D 100 0.66 -1.63 22.63
N ILE D 101 0.18 -2.49 23.55
CA ILE D 101 0.92 -2.91 24.75
C ILE D 101 1.49 -4.30 24.46
N LEU D 102 2.83 -4.40 24.39
CA LEU D 102 3.55 -5.65 24.10
C LEU D 102 3.78 -6.53 25.33
N GLU D 103 4.24 -7.79 25.09
CA GLU D 103 4.52 -8.83 26.09
C GLU D 103 5.46 -8.35 27.21
N ASP D 104 6.56 -7.65 26.84
CA ASP D 104 7.53 -7.14 27.81
C ASP D 104 7.00 -5.95 28.62
N GLY D 105 6.13 -5.14 28.01
CA GLY D 105 5.52 -3.99 28.65
C GLY D 105 5.51 -2.71 27.84
N THR D 106 6.47 -2.56 26.89
CA THR D 106 6.64 -1.37 26.04
C THR D 106 5.37 -1.00 25.24
N ILE D 107 5.17 0.32 25.02
CA ILE D 107 4.01 0.87 24.31
C ILE D 107 4.43 1.59 23.02
N ARG D 108 3.78 1.23 21.89
CA ARG D 108 4.00 1.82 20.58
C ARG D 108 2.75 2.56 20.10
N GLY D 109 2.93 3.83 19.73
CA GLY D 109 1.86 4.71 19.26
C GLY D 109 1.96 5.02 17.78
N TYR D 110 0.83 4.95 17.06
CA TYR D 110 0.76 5.21 15.62
C TYR D 110 -0.46 6.02 15.21
N SER D 111 -0.32 6.81 14.12
CA SER D 111 -1.39 7.64 13.54
C SER D 111 -1.09 7.87 12.05
N GLN D 112 -1.88 7.21 11.18
CA GLN D 112 -1.73 7.29 9.73
C GLN D 112 -3.05 7.57 9.04
N ASP D 113 -3.00 8.29 7.90
CA ASP D 113 -4.18 8.61 7.11
C ASP D 113 -3.92 8.49 5.61
N ALA D 114 -4.98 8.23 4.83
CA ALA D 114 -4.90 8.06 3.38
C ALA D 114 -6.05 8.70 2.63
N TYR D 115 -5.82 8.99 1.33
CA TYR D 115 -6.79 9.56 0.41
C TYR D 115 -6.84 8.67 -0.84
N ASP D 116 -8.02 8.07 -1.10
CA ASP D 116 -8.31 7.14 -2.21
C ASP D 116 -7.41 5.89 -2.20
N GLY D 117 -7.17 5.36 -1.00
CA GLY D 117 -6.36 4.17 -0.78
C GLY D 117 -4.85 4.35 -0.83
N ARG D 118 -4.38 5.61 -0.95
CA ARG D 118 -2.95 5.94 -1.00
C ARG D 118 -2.57 6.88 0.14
N ASP D 119 -1.43 6.58 0.80
CA ASP D 119 -0.86 7.31 1.95
C ASP D 119 -0.84 8.83 1.78
N PHE D 120 -1.22 9.55 2.85
CA PHE D 120 -1.29 11.00 2.88
C PHE D 120 -0.39 11.59 3.97
N ILE D 121 -0.81 11.50 5.25
CA ILE D 121 -0.04 12.00 6.40
C ILE D 121 0.17 10.90 7.44
N ALA D 122 1.43 10.66 7.82
CA ALA D 122 1.83 9.67 8.82
C ALA D 122 2.56 10.38 9.95
N PHE D 123 2.06 10.24 11.19
CA PHE D 123 2.65 10.88 12.36
C PHE D 123 3.88 10.13 12.87
N ASP D 124 4.96 10.89 13.14
CA ASP D 124 6.21 10.36 13.68
C ASP D 124 6.32 10.83 15.13
N LYS D 125 6.17 9.89 16.08
CA LYS D 125 6.19 10.15 17.53
C LYS D 125 7.56 10.59 18.06
N GLY D 126 8.63 10.13 17.40
CA GLY D 126 10.01 10.44 17.78
C GLY D 126 10.43 11.85 17.43
N THR D 127 10.33 12.21 16.14
CA THR D 127 10.72 13.53 15.61
C THR D 127 9.65 14.63 15.86
N MET D 128 8.43 14.23 16.29
CA MET D 128 7.28 15.10 16.57
C MET D 128 6.81 15.92 15.35
N THR D 129 6.97 15.33 14.14
CA THR D 129 6.59 15.94 12.86
C THR D 129 5.71 15.01 12.03
N PHE D 130 4.81 15.58 11.23
CA PHE D 130 3.91 14.83 10.35
C PHE D 130 4.59 14.61 9.00
N THR D 131 4.78 13.33 8.62
CA THR D 131 5.44 12.94 7.37
C THR D 131 4.45 12.99 6.19
N ALA D 132 4.85 13.66 5.09
CA ALA D 132 4.05 13.80 3.89
C ALA D 132 4.51 12.81 2.82
N ALA D 133 3.59 11.94 2.36
CA ALA D 133 3.86 10.92 1.35
C ALA D 133 3.63 11.43 -0.07
N VAL D 134 2.65 12.35 -0.24
CA VAL D 134 2.26 12.94 -1.52
C VAL D 134 2.51 14.47 -1.53
N PRO D 135 2.72 15.13 -2.71
CA PRO D 135 2.95 16.58 -2.71
C PRO D 135 1.74 17.41 -2.27
N GLU D 136 0.52 16.82 -2.28
CA GLU D 136 -0.73 17.45 -1.86
C GLU D 136 -0.90 17.43 -0.33
N ALA D 137 0.00 16.71 0.38
CA ALA D 137 -0.01 16.58 1.84
C ALA D 137 0.86 17.65 2.53
N VAL D 138 1.69 18.38 1.75
CA VAL D 138 2.57 19.45 2.20
C VAL D 138 1.78 20.60 2.89
N PRO D 139 0.63 21.13 2.35
CA PRO D 139 -0.10 22.19 3.08
C PRO D 139 -0.66 21.73 4.43
N THR D 140 -1.00 20.43 4.57
CA THR D 140 -1.50 19.83 5.81
C THR D 140 -0.33 19.70 6.80
N LYS D 141 0.87 19.32 6.31
CA LYS D 141 2.11 19.17 7.07
C LYS D 141 2.53 20.52 7.67
N ARG D 142 2.48 21.60 6.85
CA ARG D 142 2.84 22.97 7.25
C ARG D 142 1.89 23.51 8.32
N LYS D 143 0.58 23.29 8.16
CA LYS D 143 -0.48 23.75 9.06
C LYS D 143 -0.45 23.05 10.43
N TRP D 144 -0.30 21.71 10.43
CA TRP D 144 -0.29 20.90 11.66
C TRP D 144 1.00 21.05 12.49
N GLU D 145 2.09 21.54 11.88
CA GLU D 145 3.37 21.73 12.56
C GLU D 145 3.47 23.08 13.30
N GLU D 146 2.94 24.17 12.71
CA GLU D 146 2.95 25.50 13.33
C GLU D 146 2.12 25.54 14.64
N GLY D 147 0.94 24.95 14.59
CA GLY D 147 0.05 24.86 15.75
C GLY D 147 0.37 23.63 16.56
N ASP D 148 0.28 23.74 17.89
CA ASP D 148 0.58 22.64 18.81
C ASP D 148 -0.52 21.57 18.84
N TYR D 149 -0.56 20.74 17.78
CA TYR D 149 -1.52 19.63 17.64
C TYR D 149 -0.79 18.29 17.73
N ALA D 150 0.53 18.29 17.41
CA ALA D 150 1.40 17.12 17.50
C ALA D 150 1.65 16.74 18.97
N GLU D 151 1.68 17.76 19.85
CA GLU D 151 1.85 17.60 21.30
C GLU D 151 0.62 16.97 21.94
N GLY D 152 -0.57 17.38 21.48
CA GLY D 152 -1.85 16.86 21.94
C GLY D 152 -2.10 15.43 21.47
N LEU D 153 -1.63 15.12 20.25
CA LEU D 153 -1.74 13.79 19.65
C LEU D 153 -0.79 12.80 20.32
N LYS D 154 0.42 13.27 20.70
CA LYS D 154 1.43 12.47 21.41
C LYS D 154 0.95 12.18 22.84
N GLN D 155 0.22 13.14 23.44
CA GLN D 155 -0.37 13.02 24.78
C GLN D 155 -1.46 11.94 24.77
N TYR D 156 -2.22 11.84 23.67
CA TYR D 156 -3.29 10.86 23.50
C TYR D 156 -2.73 9.43 23.37
N LEU D 157 -1.85 9.19 22.36
CA LEU D 157 -1.26 7.87 22.08
C LEU D 157 -0.45 7.26 23.23
N GLU D 158 0.17 8.10 24.08
CA GLU D 158 1.00 7.66 25.21
C GLU D 158 0.27 7.59 26.55
N GLU D 159 -0.76 8.44 26.77
CA GLU D 159 -1.48 8.46 28.04
C GLU D 159 -2.97 8.10 27.95
N THR D 160 -3.78 8.88 27.17
CA THR D 160 -5.23 8.69 27.01
C THR D 160 -5.60 7.31 26.44
N CYS D 161 -4.87 6.86 25.40
CA CYS D 161 -5.07 5.59 24.71
C CYS D 161 -4.80 4.40 25.64
N VAL D 162 -3.67 4.44 26.38
CA VAL D 162 -3.24 3.40 27.32
C VAL D 162 -4.20 3.28 28.51
N GLU D 163 -4.56 4.43 29.13
CA GLU D 163 -5.46 4.54 30.28
C GLU D 163 -6.83 3.91 30.02
N TRP D 164 -7.39 4.14 28.80
CA TRP D 164 -8.68 3.61 28.40
C TRP D 164 -8.62 2.13 28.01
N LEU D 165 -7.59 1.72 27.25
CA LEU D 165 -7.38 0.32 26.83
C LEU D 165 -7.24 -0.60 28.04
N ARG D 166 -6.49 -0.17 29.08
CA ARG D 166 -6.29 -0.90 30.33
C ARG D 166 -7.61 -1.08 31.10
N ARG D 167 -8.54 -0.12 30.94
CA ARG D 167 -9.87 -0.17 31.55
C ARG D 167 -10.78 -1.12 30.79
N TYR D 168 -10.75 -1.08 29.43
CA TYR D 168 -11.56 -1.94 28.55
C TYR D 168 -11.22 -3.43 28.71
N VAL D 169 -9.92 -3.73 28.93
CA VAL D 169 -9.39 -5.08 29.15
C VAL D 169 -9.94 -5.60 30.48
N GLU D 170 -9.99 -4.73 31.52
CA GLU D 170 -10.52 -5.03 32.85
C GLU D 170 -12.04 -5.27 32.80
N TYR D 171 -12.76 -4.56 31.91
CA TYR D 171 -14.21 -4.70 31.74
C TYR D 171 -14.57 -6.05 31.08
N GLY D 172 -13.79 -6.45 30.09
CA GLY D 172 -14.00 -7.70 29.36
C GLY D 172 -12.91 -8.73 29.60
N LYS D 173 -12.52 -8.93 30.88
CA LYS D 173 -11.48 -9.87 31.32
C LYS D 173 -11.83 -11.32 30.98
N ALA D 174 -13.08 -11.74 31.24
CA ALA D 174 -13.58 -13.09 30.99
C ALA D 174 -13.88 -13.34 29.51
N GLU D 175 -14.25 -12.29 28.77
CA GLU D 175 -14.60 -12.38 27.34
C GLU D 175 -13.39 -12.40 26.41
N LEU D 176 -12.40 -11.52 26.66
CA LEU D 176 -11.19 -11.42 25.84
C LEU D 176 -10.19 -12.56 26.11
N GLY D 177 -10.12 -12.99 27.37
CA GLY D 177 -9.22 -14.07 27.79
C GLY D 177 -9.82 -15.47 27.77
N ARG D 178 -10.97 -15.64 27.07
CA ARG D 178 -11.65 -16.93 26.96
C ARG D 178 -10.99 -17.86 25.93
N ARG D 179 -11.24 -19.16 26.05
CA ARG D 179 -10.74 -20.20 25.15
C ARG D 179 -11.93 -20.95 24.57
N GLU D 180 -12.12 -20.88 23.24
CA GLU D 180 -13.22 -21.54 22.55
C GLU D 180 -12.69 -22.60 21.58
N ARG D 181 -13.10 -23.87 21.80
CA ARG D 181 -12.70 -25.03 21.02
C ARG D 181 -13.31 -25.04 19.61
N PRO D 182 -12.51 -25.32 18.56
CA PRO D 182 -13.08 -25.34 17.19
C PRO D 182 -13.68 -26.68 16.80
N GLU D 183 -14.78 -26.63 16.01
CA GLU D 183 -15.44 -27.83 15.49
C GLU D 183 -14.79 -28.13 14.15
N VAL D 184 -14.05 -29.24 14.06
CA VAL D 184 -13.31 -29.61 12.87
C VAL D 184 -14.00 -30.72 12.07
N ARG D 185 -14.21 -30.46 10.76
CA ARG D 185 -14.84 -31.39 9.83
C ARG D 185 -13.94 -31.61 8.62
N VAL D 186 -13.65 -32.88 8.28
CA VAL D 186 -12.79 -33.25 7.15
C VAL D 186 -13.64 -33.92 6.06
N TRP D 187 -13.63 -33.33 4.85
CA TRP D 187 -14.38 -33.84 3.70
C TRP D 187 -13.53 -33.92 2.44
N GLY D 188 -13.65 -35.04 1.74
CA GLY D 188 -12.91 -35.32 0.52
C GLY D 188 -13.77 -35.31 -0.73
N LYS D 189 -13.22 -34.78 -1.84
CA LYS D 189 -13.89 -34.69 -3.14
C LYS D 189 -12.96 -35.19 -4.24
N GLU D 190 -13.42 -36.19 -5.01
CA GLU D 190 -12.65 -36.80 -6.10
C GLU D 190 -13.14 -36.31 -7.46
N ALA D 191 -12.23 -35.68 -8.25
CA ALA D 191 -12.51 -35.15 -9.58
C ALA D 191 -11.24 -35.09 -10.44
N ASP D 192 -11.34 -35.60 -11.69
CA ASP D 192 -10.27 -35.64 -12.72
C ASP D 192 -8.97 -36.30 -12.21
N GLY D 193 -9.12 -37.40 -11.45
CA GLY D 193 -8.01 -38.15 -10.90
C GLY D 193 -7.25 -37.45 -9.79
N ILE D 194 -7.91 -36.51 -9.09
CA ILE D 194 -7.34 -35.73 -7.98
C ILE D 194 -8.32 -35.74 -6.79
N LEU D 195 -7.84 -36.18 -5.62
CA LEU D 195 -8.62 -36.24 -4.38
C LEU D 195 -8.28 -35.00 -3.54
N THR D 196 -9.26 -34.08 -3.43
CA THR D 196 -9.10 -32.84 -2.67
C THR D 196 -9.65 -33.01 -1.26
N LEU D 197 -8.76 -33.01 -0.25
CA LEU D 197 -9.11 -33.17 1.16
C LEU D 197 -9.23 -31.80 1.81
N SER D 198 -10.43 -31.47 2.31
CA SER D 198 -10.72 -30.19 2.95
C SER D 198 -10.83 -30.34 4.47
N CYS D 199 -10.11 -29.49 5.21
CA CYS D 199 -10.14 -29.45 6.67
C CYS D 199 -10.67 -28.08 7.10
N ARG D 200 -11.87 -28.06 7.70
CA ARG D 200 -12.55 -26.83 8.10
C ARG D 200 -12.75 -26.75 9.61
N ALA D 201 -12.36 -25.59 10.22
CA ALA D 201 -12.51 -25.32 11.65
C ALA D 201 -13.59 -24.25 11.87
N HIS D 202 -14.59 -24.57 12.73
CA HIS D 202 -15.72 -23.68 13.02
C HIS D 202 -15.75 -23.13 14.46
N GLY D 203 -15.96 -21.81 14.56
CA GLY D 203 -16.17 -21.00 15.76
C GLY D 203 -15.17 -20.93 16.90
N PHE D 204 -13.87 -20.76 16.62
CA PHE D 204 -12.82 -20.70 17.64
C PHE D 204 -12.41 -19.29 18.10
N TYR D 205 -11.94 -19.18 19.37
CA TYR D 205 -11.43 -17.95 20.00
C TYR D 205 -10.27 -18.30 20.96
N PRO D 206 -9.11 -17.58 20.95
CA PRO D 206 -8.75 -16.39 20.15
C PRO D 206 -8.46 -16.67 18.67
N ARG D 207 -8.15 -15.59 17.92
CA ARG D 207 -7.86 -15.58 16.48
C ARG D 207 -6.65 -16.46 16.04
N PRO D 208 -5.46 -16.50 16.72
CA PRO D 208 -4.35 -17.33 16.21
C PRO D 208 -4.62 -18.83 16.19
N ILE D 209 -4.39 -19.45 15.01
CA ILE D 209 -4.58 -20.88 14.77
C ILE D 209 -3.55 -21.41 13.75
N VAL D 210 -3.08 -22.66 13.94
CA VAL D 210 -2.13 -23.33 13.05
C VAL D 210 -2.77 -24.63 12.55
N VAL D 211 -3.25 -24.61 11.29
CA VAL D 211 -3.88 -25.77 10.65
C VAL D 211 -2.92 -26.30 9.58
N SER D 212 -2.43 -27.54 9.76
CA SER D 212 -1.48 -28.18 8.85
C SER D 212 -1.89 -29.59 8.46
N TRP D 213 -1.63 -29.96 7.19
CA TRP D 213 -1.91 -31.29 6.65
C TRP D 213 -0.68 -32.18 6.78
N LEU D 214 -0.90 -33.43 7.20
CA LEU D 214 0.16 -34.42 7.42
C LEU D 214 -0.07 -35.68 6.61
N LYS D 215 0.98 -36.19 5.94
CA LYS D 215 0.95 -37.42 5.16
C LYS D 215 1.99 -38.38 5.76
N ASP D 216 1.52 -39.55 6.24
CA ASP D 216 2.33 -40.61 6.87
C ASP D 216 3.07 -40.11 8.14
N GLY D 217 2.51 -39.09 8.80
CA GLY D 217 3.07 -38.50 10.00
C GLY D 217 3.97 -37.29 9.75
N ALA D 218 4.30 -37.03 8.47
CA ALA D 218 5.15 -35.91 8.05
C ALA D 218 4.30 -34.79 7.43
N VAL D 219 4.55 -33.53 7.85
CA VAL D 219 3.83 -32.35 7.41
C VAL D 219 4.08 -32.02 5.91
N ARG D 220 3.01 -31.62 5.20
CA ARG D 220 3.00 -31.24 3.79
C ARG D 220 2.29 -29.87 3.70
N GLY D 221 3.05 -28.83 3.38
CA GLY D 221 2.55 -27.47 3.31
C GLY D 221 2.63 -26.77 1.96
N GLN D 222 3.51 -27.24 1.07
CA GLN D 222 3.72 -26.68 -0.27
C GLN D 222 2.50 -26.87 -1.18
N ASP D 223 1.83 -28.03 -1.06
CA ASP D 223 0.64 -28.37 -1.84
C ASP D 223 -0.64 -27.86 -1.17
N ALA D 224 -0.56 -27.55 0.15
CA ALA D 224 -1.69 -27.05 0.95
C ALA D 224 -2.07 -25.62 0.58
N GLN D 225 -3.39 -25.38 0.41
CA GLN D 225 -3.97 -24.09 0.07
C GLN D 225 -4.93 -23.65 1.18
N SER D 226 -4.68 -22.46 1.75
CA SER D 226 -5.49 -21.91 2.84
C SER D 226 -6.20 -20.61 2.45
N GLY D 227 -7.28 -20.30 3.16
CA GLY D 227 -8.06 -19.08 2.95
C GLY D 227 -7.90 -18.08 4.07
N GLY D 228 -6.92 -18.29 4.94
CA GLY D 228 -6.62 -17.45 6.09
C GLY D 228 -7.63 -17.59 7.21
N ILE D 229 -7.61 -16.64 8.16
CA ILE D 229 -8.55 -16.64 9.29
C ILE D 229 -9.66 -15.63 9.01
N VAL D 230 -10.88 -16.14 8.77
CA VAL D 230 -12.08 -15.35 8.47
C VAL D 230 -13.00 -15.23 9.70
N PRO D 231 -13.69 -14.09 9.93
CA PRO D 231 -14.51 -13.98 11.15
C PRO D 231 -15.97 -14.41 11.03
N ASN D 232 -16.61 -14.65 12.18
CA ASN D 232 -18.03 -15.00 12.30
C ASN D 232 -18.77 -13.81 12.92
N GLY D 233 -20.10 -13.78 12.75
CA GLY D 233 -20.96 -12.70 13.24
C GLY D 233 -21.11 -12.60 14.74
N ASP D 234 -20.71 -13.65 15.50
CA ASP D 234 -20.84 -13.70 16.96
C ASP D 234 -19.52 -13.47 17.73
N GLY D 235 -18.46 -13.08 17.01
CA GLY D 235 -17.15 -12.80 17.61
C GLY D 235 -16.14 -13.92 17.50
N THR D 236 -16.57 -15.10 17.03
CA THR D 236 -15.70 -16.28 16.86
C THR D 236 -15.02 -16.24 15.48
N TYR D 237 -14.10 -17.20 15.22
CA TYR D 237 -13.37 -17.24 13.95
C TYR D 237 -13.52 -18.57 13.20
N HIS D 238 -13.19 -18.55 11.89
CA HIS D 238 -13.30 -19.67 10.96
C HIS D 238 -12.06 -19.73 10.06
N THR D 239 -11.70 -20.96 9.59
CA THR D 239 -10.56 -21.21 8.69
C THR D 239 -10.72 -22.54 7.92
N TRP D 240 -10.13 -22.61 6.72
CA TRP D 240 -10.14 -23.80 5.86
C TRP D 240 -8.80 -24.01 5.16
N VAL D 241 -8.33 -25.27 5.14
CA VAL D 241 -7.08 -25.67 4.49
C VAL D 241 -7.38 -26.89 3.61
N THR D 242 -7.09 -26.79 2.31
CA THR D 242 -7.32 -27.85 1.33
C THR D 242 -6.00 -28.38 0.76
N ILE D 243 -5.94 -29.69 0.46
CA ILE D 243 -4.75 -30.31 -0.10
C ILE D 243 -5.12 -31.26 -1.26
N ASP D 244 -4.32 -31.23 -2.34
CA ASP D 244 -4.52 -32.09 -3.51
C ASP D 244 -3.68 -33.35 -3.35
N ALA D 245 -4.35 -34.52 -3.41
CA ALA D 245 -3.71 -35.83 -3.23
C ALA D 245 -4.14 -36.84 -4.29
N GLN D 246 -3.35 -37.93 -4.44
CA GLN D 246 -3.63 -39.02 -5.37
C GLN D 246 -4.81 -39.86 -4.86
N PRO D 247 -5.74 -40.32 -5.75
CA PRO D 247 -6.88 -41.14 -5.26
C PRO D 247 -6.41 -42.49 -4.74
N GLY D 248 -6.78 -42.79 -3.51
CA GLY D 248 -6.41 -44.02 -2.81
C GLY D 248 -5.34 -43.80 -1.77
N ASP D 249 -5.15 -42.53 -1.35
CA ASP D 249 -4.17 -42.12 -0.34
C ASP D 249 -4.80 -41.32 0.82
N GLY D 250 -6.12 -41.12 0.76
CA GLY D 250 -6.91 -40.38 1.74
C GLY D 250 -6.70 -40.76 3.20
N ASP D 251 -6.59 -42.08 3.49
CA ASP D 251 -6.37 -42.61 4.85
C ASP D 251 -5.00 -42.24 5.42
N LYS D 252 -4.00 -42.02 4.55
CA LYS D 252 -2.64 -41.64 4.92
C LYS D 252 -2.56 -40.19 5.40
N TYR D 253 -3.55 -39.36 5.00
CA TYR D 253 -3.63 -37.94 5.34
C TYR D 253 -4.36 -37.66 6.65
N GLN D 254 -3.80 -36.73 7.46
CA GLN D 254 -4.34 -36.31 8.75
C GLN D 254 -4.20 -34.80 8.93
N CYS D 255 -5.27 -34.14 9.38
CA CYS D 255 -5.31 -32.71 9.65
C CYS D 255 -4.96 -32.44 11.11
N ARG D 256 -3.97 -31.55 11.34
CA ARG D 256 -3.52 -31.17 12.68
C ARG D 256 -3.93 -29.73 12.98
N VAL D 257 -4.72 -29.55 14.05
CA VAL D 257 -5.21 -28.24 14.48
C VAL D 257 -4.53 -27.82 15.78
N GLU D 258 -3.75 -26.72 15.72
CA GLU D 258 -3.04 -26.16 16.88
C GLU D 258 -3.72 -24.87 17.32
N HIS D 259 -4.35 -24.92 18.51
CA HIS D 259 -5.07 -23.78 19.10
C HIS D 259 -4.88 -23.73 20.61
N ALA D 260 -4.99 -22.52 21.21
CA ALA D 260 -4.83 -22.27 22.64
C ALA D 260 -5.89 -22.97 23.51
N SER D 261 -7.11 -23.16 22.96
CA SER D 261 -8.22 -23.83 23.65
C SER D 261 -7.96 -25.33 23.84
N LEU D 262 -7.28 -25.96 22.85
CA LEU D 262 -6.94 -27.38 22.89
C LEU D 262 -5.64 -27.57 23.67
N PRO D 263 -5.62 -28.42 24.73
CA PRO D 263 -4.38 -28.61 25.51
C PRO D 263 -3.26 -29.30 24.71
N GLN D 264 -3.65 -30.20 23.79
CA GLN D 264 -2.76 -30.94 22.89
C GLN D 264 -3.29 -30.84 21.46
N PRO D 265 -2.42 -30.72 20.42
CA PRO D 265 -2.93 -30.60 19.03
C PRO D 265 -3.82 -31.74 18.58
N GLY D 266 -5.04 -31.39 18.18
CA GLY D 266 -6.05 -32.34 17.73
C GLY D 266 -5.80 -32.87 16.34
N LEU D 267 -5.84 -34.21 16.19
CA LEU D 267 -5.64 -34.91 14.92
C LEU D 267 -6.98 -35.39 14.38
N TYR D 268 -7.30 -35.02 13.14
CA TYR D 268 -8.56 -35.34 12.47
C TYR D 268 -8.30 -35.93 11.07
N SER D 269 -9.27 -36.70 10.55
CA SER D 269 -9.21 -37.33 9.23
C SER D 269 -10.63 -37.44 8.65
N TRP D 270 -10.78 -38.01 7.43
CA TRP D 270 -12.10 -38.19 6.81
C TRP D 270 -12.85 -39.41 7.44
N GLU D 271 -12.29 -39.93 8.55
CA GLU D 271 -12.74 -41.01 9.45
C GLU D 271 -13.33 -42.29 8.76
N PRO D 272 -12.62 -42.97 7.81
CA PRO D 272 -13.22 -44.18 7.22
C PRO D 272 -12.76 -45.48 7.90
N ASP E 1 -5.37 -7.28 -8.20
CA ASP E 1 -4.88 -6.03 -7.63
C ASP E 1 -5.78 -5.58 -6.47
N LEU E 2 -7.01 -5.11 -6.77
CA LEU E 2 -7.95 -4.63 -5.77
C LEU E 2 -9.32 -5.34 -5.84
N THR E 3 -9.35 -6.54 -6.45
CA THR E 3 -10.56 -7.35 -6.56
C THR E 3 -10.90 -8.00 -5.20
N PRO E 4 -12.19 -8.14 -4.82
CA PRO E 4 -12.50 -8.75 -3.53
C PRO E 4 -12.33 -10.26 -3.49
N LYS E 5 -11.60 -10.76 -2.48
CA LYS E 5 -11.36 -12.19 -2.24
C LYS E 5 -12.52 -12.66 -1.37
N VAL E 6 -13.44 -13.44 -1.97
CA VAL E 6 -14.67 -13.90 -1.31
C VAL E 6 -14.62 -15.37 -0.86
N GLN E 7 -15.16 -15.63 0.34
CA GLN E 7 -15.25 -16.95 0.98
C GLN E 7 -16.66 -17.15 1.55
N VAL E 8 -17.32 -18.27 1.21
CA VAL E 8 -18.67 -18.62 1.71
C VAL E 8 -18.56 -19.83 2.62
N TYR E 9 -19.10 -19.70 3.85
CA TYR E 9 -19.03 -20.71 4.90
C TYR E 9 -20.16 -20.59 5.92
N SER E 10 -20.37 -21.65 6.72
CA SER E 10 -21.39 -21.70 7.77
C SER E 10 -20.74 -21.55 9.16
N ARG E 11 -21.50 -20.98 10.13
CA ARG E 11 -21.06 -20.77 11.51
C ARG E 11 -20.76 -22.09 12.23
N PHE E 12 -21.72 -23.04 12.16
CA PHE E 12 -21.61 -24.37 12.76
C PHE E 12 -21.53 -25.42 11.63
N PRO E 13 -20.95 -26.63 11.85
CA PRO E 13 -20.93 -27.63 10.77
C PRO E 13 -22.33 -27.94 10.26
N ALA E 14 -22.52 -27.82 8.94
CA ALA E 14 -23.81 -27.98 8.25
C ALA E 14 -24.47 -29.34 8.42
N SER E 15 -25.79 -29.31 8.69
CA SER E 15 -26.66 -30.47 8.88
C SER E 15 -28.07 -30.11 8.39
N ALA E 16 -28.70 -31.01 7.63
CA ALA E 16 -30.05 -30.81 7.08
C ALA E 16 -31.10 -30.76 8.19
N GLY E 17 -31.83 -29.64 8.25
CA GLY E 17 -32.88 -29.41 9.24
C GLY E 17 -32.44 -28.64 10.48
N THR E 18 -31.12 -28.66 10.78
CA THR E 18 -30.52 -27.98 11.93
C THR E 18 -30.31 -26.49 11.61
N LYS E 19 -30.64 -25.61 12.57
CA LYS E 19 -30.50 -24.15 12.45
C LYS E 19 -29.03 -23.75 12.36
N ASN E 20 -28.72 -22.82 11.42
CA ASN E 20 -27.36 -22.35 11.19
C ASN E 20 -27.31 -20.88 10.74
N VAL E 21 -26.10 -20.35 10.51
CA VAL E 21 -25.85 -18.97 10.04
C VAL E 21 -24.92 -19.06 8.82
N LEU E 22 -25.34 -18.48 7.68
CA LEU E 22 -24.54 -18.47 6.46
C LEU E 22 -23.74 -17.17 6.35
N ASN E 23 -22.41 -17.28 6.38
CA ASN E 23 -21.50 -16.15 6.32
C ASN E 23 -20.86 -15.99 4.95
N CYS E 24 -20.70 -14.74 4.51
CA CYS E 24 -20.05 -14.37 3.26
C CYS E 24 -19.08 -13.24 3.56
N PHE E 25 -17.77 -13.54 3.46
CA PHE E 25 -16.71 -12.58 3.76
C PHE E 25 -15.89 -12.21 2.54
N ALA E 26 -15.83 -10.90 2.24
CA ALA E 26 -15.07 -10.33 1.13
C ALA E 26 -13.99 -9.42 1.72
N ALA E 27 -12.74 -9.53 1.22
CA ALA E 27 -11.61 -8.75 1.71
C ALA E 27 -10.63 -8.35 0.60
N GLY E 28 -9.80 -7.34 0.90
CA GLY E 28 -8.78 -6.82 -0.01
C GLY E 28 -9.31 -6.01 -1.18
N PHE E 29 -10.41 -5.26 -0.96
CA PHE E 29 -11.04 -4.45 -2.00
C PHE E 29 -11.04 -2.94 -1.71
N HIS E 30 -11.01 -2.14 -2.79
CA HIS E 30 -11.04 -0.67 -2.79
C HIS E 30 -11.56 -0.20 -4.17
N PRO E 31 -12.52 0.75 -4.29
CA PRO E 31 -13.20 1.56 -3.23
C PRO E 31 -14.10 0.76 -2.27
N PRO E 32 -14.51 1.35 -1.11
CA PRO E 32 -15.35 0.59 -0.15
C PRO E 32 -16.74 0.19 -0.62
N LYS E 33 -17.33 0.90 -1.62
CA LYS E 33 -18.67 0.59 -2.14
C LYS E 33 -18.71 -0.83 -2.71
N ILE E 34 -19.52 -1.70 -2.08
CA ILE E 34 -19.66 -3.11 -2.44
C ILE E 34 -21.10 -3.61 -2.23
N SER E 35 -21.55 -4.55 -3.09
CA SER E 35 -22.86 -5.18 -3.01
C SER E 35 -22.70 -6.68 -2.79
N ILE E 36 -22.81 -7.12 -1.53
CA ILE E 36 -22.67 -8.52 -1.13
C ILE E 36 -24.06 -9.04 -0.72
N THR E 37 -24.60 -10.02 -1.47
CA THR E 37 -25.93 -10.59 -1.22
C THR E 37 -25.90 -12.11 -1.10
N LEU E 38 -26.48 -12.65 -0.02
CA LEU E 38 -26.61 -14.09 0.22
C LEU E 38 -27.83 -14.57 -0.56
N MET E 39 -27.68 -15.65 -1.33
CA MET E 39 -28.76 -16.18 -2.17
C MET E 39 -29.08 -17.65 -1.94
N LYS E 40 -30.38 -17.97 -1.94
CA LYS E 40 -30.93 -19.32 -1.80
C LYS E 40 -31.68 -19.64 -3.09
N ASP E 41 -31.11 -20.56 -3.90
CA ASP E 41 -31.64 -21.03 -5.19
C ASP E 41 -31.83 -19.88 -6.22
N GLY E 42 -30.86 -18.96 -6.25
CA GLY E 42 -30.84 -17.80 -7.14
C GLY E 42 -31.78 -16.68 -6.77
N VAL E 43 -32.24 -16.65 -5.51
CA VAL E 43 -33.17 -15.66 -4.94
C VAL E 43 -32.58 -15.13 -3.61
N PRO E 44 -32.57 -13.79 -3.32
CA PRO E 44 -32.00 -13.31 -2.05
C PRO E 44 -32.54 -13.99 -0.79
N MET E 45 -31.66 -14.22 0.20
CA MET E 45 -31.93 -14.94 1.44
C MET E 45 -32.59 -14.07 2.56
N GLU E 46 -33.69 -13.36 2.20
CA GLU E 46 -34.53 -12.52 3.06
C GLU E 46 -33.73 -11.50 3.92
N GLY E 47 -33.78 -11.65 5.24
CA GLY E 47 -33.14 -10.76 6.20
C GLY E 47 -31.69 -11.11 6.50
N ALA E 48 -30.76 -10.40 5.85
CA ALA E 48 -29.31 -10.58 6.02
C ALA E 48 -28.69 -9.39 6.75
N GLN E 49 -27.95 -9.67 7.84
CA GLN E 49 -27.29 -8.65 8.64
C GLN E 49 -25.92 -8.29 8.09
N TYR E 50 -25.65 -6.98 7.93
CA TYR E 50 -24.41 -6.43 7.41
C TYR E 50 -23.56 -5.91 8.57
N SER E 51 -22.38 -6.54 8.78
CA SER E 51 -21.46 -6.17 9.86
C SER E 51 -20.75 -4.84 9.57
N ASP E 52 -20.25 -4.19 10.64
CA ASP E 52 -19.55 -2.90 10.57
C ASP E 52 -18.27 -3.01 9.76
N MET E 53 -18.16 -2.17 8.71
CA MET E 53 -17.05 -2.09 7.76
C MET E 53 -15.70 -1.83 8.44
N SER E 54 -14.66 -2.57 7.99
CA SER E 54 -13.30 -2.48 8.50
C SER E 54 -12.26 -2.49 7.39
N PHE E 55 -11.05 -1.97 7.67
CA PHE E 55 -9.91 -1.96 6.75
C PHE E 55 -8.60 -2.23 7.47
N ASN E 56 -7.62 -2.83 6.77
CA ASN E 56 -6.31 -3.18 7.34
C ASN E 56 -5.26 -2.08 7.06
N ASP E 57 -3.97 -2.38 7.35
CA ASP E 57 -2.83 -1.47 7.20
C ASP E 57 -2.61 -0.97 5.76
N ASP E 58 -2.91 -1.82 4.75
CA ASP E 58 -2.75 -1.49 3.33
C ASP E 58 -3.95 -0.70 2.75
N TRP E 59 -4.86 -0.23 3.64
CA TRP E 59 -6.07 0.57 3.37
C TRP E 59 -7.18 -0.20 2.61
N THR E 60 -6.98 -1.52 2.39
CA THR E 60 -7.97 -2.37 1.69
C THR E 60 -9.11 -2.74 2.64
N PHE E 61 -10.36 -2.61 2.17
CA PHE E 61 -11.57 -2.87 2.95
C PHE E 61 -11.97 -4.34 3.05
N GLN E 62 -12.80 -4.66 4.06
CA GLN E 62 -13.36 -5.98 4.33
C GLN E 62 -14.76 -5.89 4.95
N ARG E 63 -15.67 -6.78 4.52
CA ARG E 63 -17.05 -6.82 5.02
C ARG E 63 -17.59 -8.24 5.13
N LEU E 64 -18.33 -8.51 6.22
CA LEU E 64 -18.97 -9.81 6.49
C LEU E 64 -20.49 -9.66 6.47
N VAL E 65 -21.17 -10.56 5.74
CA VAL E 65 -22.63 -10.59 5.63
C VAL E 65 -23.10 -11.94 6.18
N HIS E 66 -23.92 -11.91 7.24
CA HIS E 66 -24.44 -13.12 7.89
C HIS E 66 -25.96 -13.10 8.06
N ALA E 67 -26.59 -14.27 7.86
CA ALA E 67 -28.04 -14.46 7.98
C ALA E 67 -28.38 -15.83 8.55
N ASP E 68 -29.37 -15.88 9.45
CA ASP E 68 -29.85 -17.13 10.07
C ASP E 68 -30.63 -17.93 9.03
N PHE E 69 -30.25 -19.20 8.83
CA PHE E 69 -30.86 -20.08 7.84
C PHE E 69 -30.92 -21.54 8.26
N THR E 70 -31.76 -22.34 7.59
CA THR E 70 -31.89 -23.77 7.83
C THR E 70 -31.52 -24.52 6.53
N PRO E 71 -30.29 -25.09 6.45
CA PRO E 71 -29.88 -25.79 5.22
C PRO E 71 -30.74 -27.01 4.90
N SER E 72 -31.18 -27.11 3.64
CA SER E 72 -32.02 -28.21 3.15
C SER E 72 -31.39 -28.88 1.93
N SER E 73 -31.57 -30.21 1.81
CA SER E 73 -31.07 -31.01 0.70
C SER E 73 -31.80 -30.68 -0.60
N GLY E 74 -31.04 -30.51 -1.67
CA GLY E 74 -31.57 -30.17 -2.99
C GLY E 74 -31.65 -28.67 -3.26
N SER E 75 -31.18 -27.85 -2.29
CA SER E 75 -31.16 -26.39 -2.39
C SER E 75 -29.73 -25.88 -2.52
N THR E 76 -29.49 -25.00 -3.51
CA THR E 76 -28.17 -24.43 -3.77
C THR E 76 -28.05 -23.06 -3.09
N TYR E 77 -27.03 -22.92 -2.23
CA TYR E 77 -26.74 -21.69 -1.49
C TYR E 77 -25.48 -21.04 -2.08
N ALA E 78 -25.57 -19.75 -2.43
CA ALA E 78 -24.46 -18.99 -3.02
C ALA E 78 -24.40 -17.54 -2.55
N CYS E 79 -23.32 -16.83 -2.89
CA CYS E 79 -23.11 -15.42 -2.53
C CYS E 79 -22.77 -14.59 -3.77
N LYS E 80 -23.59 -13.56 -4.03
CA LYS E 80 -23.42 -12.64 -5.16
C LYS E 80 -22.65 -11.40 -4.72
N VAL E 81 -21.51 -11.12 -5.37
CA VAL E 81 -20.65 -9.98 -5.05
C VAL E 81 -20.48 -9.06 -6.27
N GLU E 82 -20.85 -7.77 -6.10
CA GLU E 82 -20.75 -6.73 -7.13
C GLU E 82 -19.78 -5.64 -6.67
N HIS E 83 -18.77 -5.34 -7.51
CA HIS E 83 -17.75 -4.33 -7.23
C HIS E 83 -17.27 -3.63 -8.51
N GLU E 84 -16.75 -2.40 -8.37
CA GLU E 84 -16.22 -1.56 -9.46
C GLU E 84 -15.03 -2.21 -10.18
N THR E 85 -14.20 -2.97 -9.44
CA THR E 85 -13.02 -3.66 -9.96
C THR E 85 -13.39 -4.86 -10.84
N LEU E 86 -14.57 -5.47 -10.58
CA LEU E 86 -15.06 -6.62 -11.34
C LEU E 86 -15.94 -6.19 -12.51
N LYS E 87 -15.68 -6.76 -13.70
CA LYS E 87 -16.42 -6.47 -14.94
C LYS E 87 -17.83 -7.05 -14.92
N GLU E 88 -17.97 -8.28 -14.38
CA GLU E 88 -19.24 -9.01 -14.28
C GLU E 88 -19.52 -9.41 -12.82
N PRO E 89 -20.80 -9.51 -12.36
CA PRO E 89 -21.06 -9.92 -10.97
C PRO E 89 -20.57 -11.35 -10.69
N GLN E 90 -19.80 -11.51 -9.61
CA GLN E 90 -19.22 -12.81 -9.22
C GLN E 90 -20.09 -13.57 -8.23
N VAL E 91 -20.38 -14.84 -8.56
CA VAL E 91 -21.21 -15.75 -7.75
C VAL E 91 -20.31 -16.85 -7.17
N TYR E 92 -20.32 -16.99 -5.83
CA TYR E 92 -19.52 -17.99 -5.12
C TYR E 92 -20.42 -19.01 -4.42
N LYS E 93 -20.41 -20.26 -4.90
CA LYS E 93 -21.23 -21.36 -4.38
C LYS E 93 -20.71 -21.87 -3.04
N TRP E 94 -21.63 -22.13 -2.09
CA TRP E 94 -21.32 -22.66 -0.77
C TRP E 94 -21.35 -24.19 -0.79
N ASP E 95 -20.27 -24.82 -0.32
CA ASP E 95 -20.15 -26.28 -0.24
C ASP E 95 -20.70 -26.72 1.13
N PRO E 96 -21.85 -27.42 1.20
CA PRO E 96 -22.40 -27.82 2.51
C PRO E 96 -21.57 -28.88 3.22
N GLU E 97 -20.95 -29.80 2.46
CA GLU E 97 -20.10 -30.90 2.94
C GLU E 97 -20.82 -31.82 3.95
N SER F 1 26.14 -4.95 -5.03
CA SER F 1 25.95 -6.26 -5.67
C SER F 1 24.56 -6.80 -5.41
N TRP F 2 23.94 -7.40 -6.46
CA TRP F 2 22.62 -8.02 -6.40
C TRP F 2 22.67 -9.28 -5.56
N PHE F 3 21.57 -9.60 -4.86
CA PHE F 3 21.51 -10.82 -4.06
C PHE F 3 21.07 -11.98 -4.94
N ARG F 4 21.80 -13.10 -4.87
CA ARG F 4 21.49 -14.31 -5.62
C ARG F 4 20.39 -15.05 -4.86
N LYS F 5 19.17 -15.11 -5.43
CA LYS F 5 18.03 -15.80 -4.82
C LYS F 5 18.31 -17.29 -4.68
N PRO F 6 18.29 -17.84 -3.45
CA PRO F 6 18.64 -19.26 -3.27
C PRO F 6 17.47 -20.23 -3.45
N MET F 7 16.23 -19.72 -3.67
CA MET F 7 15.03 -20.56 -3.84
C MET F 7 13.85 -19.83 -4.48
N THR F 8 13.00 -20.58 -5.23
CA THR F 8 11.78 -20.11 -5.88
C THR F 8 10.65 -20.02 -4.84
N ARG F 9 9.63 -19.20 -5.13
CA ARG F 9 8.47 -18.98 -4.26
C ARG F 9 7.52 -20.18 -4.30
#